data_4ZU7
#
_entry.id   4ZU7
#
_cell.length_a   136.557
_cell.length_b   96.174
_cell.length_c   111.755
_cell.angle_alpha   90.00
_cell.angle_beta   114.50
_cell.angle_gamma   90.00
#
_symmetry.space_group_name_H-M   'C 1 2 1'
#
loop_
_entity.id
_entity.type
_entity.pdbx_description
1 polymer QdtA
2 non-polymer "THYMIDINE-5'-DIPHOSPHATE"
3 non-polymer (2S)-1-[3-{[(2R)-2-hydroxypropyl]oxy}-2,2-bis({[(2R)-2-hydroxypropyl]oxy}methyl)propoxy]propan-2-ol
4 water water
#
_entity_poly.entity_id   1
_entity_poly.type   'polypeptide(L)'
_entity_poly.pdbx_seq_one_letter_code
;MLYNVALIKFKDIADKRGHLTPIEGKIDIPFDIKRVYYITKVDKDITRGYHSHKKLHQVLICLNGSVKIRLKIPDEEKII
ELNDPSVGLYIGPLVWHEMFDFTEGCVLLVLASEYYDETDYIRNYDFYIDEAKKRFLEHHHHHH
;
_entity_poly.pdbx_strand_id   A,B,C,D,E,F,G,H
#
loop_
_chem_comp.id
_chem_comp.type
_chem_comp.name
_chem_comp.formula
PXN non-polymer (2S)-1-[3-{[(2R)-2-hydroxypropyl]oxy}-2,2-bis({[(2R)-2-hydroxypropyl]oxy}methyl)propoxy]propan-2-ol 'C17 H36 O8'
TYD non-polymer THYMIDINE-5'-DIPHOSPHATE 'C10 H16 N2 O11 P2'
#
# COMPACT_ATOMS: atom_id res chain seq x y z
N MET A 1 -22.41 -22.00 -23.61
CA MET A 1 -21.83 -20.63 -23.48
C MET A 1 -20.45 -20.58 -22.73
N LEU A 2 -19.91 -19.36 -22.71
CA LEU A 2 -18.49 -19.09 -22.52
C LEU A 2 -18.20 -18.43 -21.20
N TYR A 3 -17.46 -19.12 -20.35
CA TYR A 3 -17.18 -18.62 -19.01
C TYR A 3 -16.03 -17.60 -19.08
N ASN A 4 -15.93 -16.74 -18.07
CA ASN A 4 -14.73 -15.87 -17.84
C ASN A 4 -14.45 -14.86 -18.92
N VAL A 5 -15.48 -14.50 -19.65
CA VAL A 5 -15.41 -13.50 -20.68
C VAL A 5 -16.59 -12.55 -20.53
N ALA A 6 -16.32 -11.26 -20.73
CA ALA A 6 -17.35 -10.23 -20.79
C ALA A 6 -17.00 -9.25 -21.90
N LEU A 7 -18.01 -8.57 -22.44
CA LEU A 7 -17.79 -7.31 -23.18
C LEU A 7 -18.14 -6.13 -22.28
N ILE A 8 -17.17 -5.24 -22.14
CA ILE A 8 -17.29 -4.02 -21.37
C ILE A 8 -17.40 -2.82 -22.29
N LYS A 9 -18.43 -2.00 -22.06
CA LYS A 9 -18.70 -0.81 -22.85
C LYS A 9 -18.13 0.41 -22.15
N PHE A 10 -17.32 1.22 -22.87
CA PHE A 10 -16.77 2.42 -22.30
C PHE A 10 -17.48 3.67 -22.78
N LYS A 11 -17.12 4.79 -22.17
CA LYS A 11 -17.62 6.07 -22.60
C LYS A 11 -16.96 6.43 -23.91
N ASP A 12 -17.76 6.94 -24.83
CA ASP A 12 -17.27 7.45 -26.09
C ASP A 12 -17.77 8.90 -26.21
N ILE A 13 -16.82 9.82 -26.08
CA ILE A 13 -17.08 11.25 -26.12
C ILE A 13 -16.79 11.79 -27.52
N ALA A 14 -17.86 11.95 -28.27
CA ALA A 14 -17.81 12.19 -29.70
C ALA A 14 -18.47 13.52 -30.01
N ASP A 15 -17.73 14.37 -30.70
CA ASP A 15 -18.29 15.58 -31.28
C ASP A 15 -17.42 15.97 -32.46
N LYS A 16 -17.40 17.26 -32.80
CA LYS A 16 -16.77 17.69 -34.07
C LYS A 16 -15.24 17.71 -33.99
N ARG A 17 -14.70 17.57 -32.77
CA ARG A 17 -13.27 17.41 -32.56
C ARG A 17 -12.83 15.94 -32.67
N GLY A 18 -13.76 15.00 -32.67
CA GLY A 18 -13.48 13.59 -32.94
C GLY A 18 -14.10 12.65 -31.93
N HIS A 19 -13.38 11.58 -31.56
CA HIS A 19 -13.80 10.63 -30.51
C HIS A 19 -12.72 10.43 -29.43
N LEU A 20 -13.17 10.29 -28.17
CA LEU A 20 -12.31 10.08 -27.03
C LEU A 20 -12.90 9.05 -26.04
N THR A 21 -12.13 8.03 -25.71
CA THR A 21 -12.55 7.07 -24.68
C THR A 21 -11.52 7.04 -23.56
N PRO A 22 -11.96 7.27 -22.32
CA PRO A 22 -11.13 7.14 -21.15
C PRO A 22 -11.40 5.87 -20.39
N ILE A 23 -10.30 5.24 -19.93
CA ILE A 23 -10.40 4.05 -19.08
C ILE A 23 -9.65 4.23 -17.76
N GLU A 24 -10.40 4.33 -16.65
CA GLU A 24 -9.80 4.39 -15.31
C GLU A 24 -9.76 3.01 -14.68
N GLY A 25 -8.59 2.64 -14.17
CA GLY A 25 -8.39 1.36 -13.52
C GLY A 25 -9.26 1.16 -12.28
N LYS A 26 -9.74 -0.06 -12.12
CA LYS A 26 -10.73 -0.41 -11.10
C LYS A 26 -12.06 0.29 -11.25
N ILE A 27 -12.17 1.27 -12.16
CA ILE A 27 -13.49 1.92 -12.36
C ILE A 27 -14.17 1.44 -13.64
N ASP A 28 -13.60 1.71 -14.80
CA ASP A 28 -14.24 1.29 -16.08
C ASP A 28 -13.88 -0.13 -16.51
N ILE A 29 -12.93 -0.73 -15.81
CA ILE A 29 -12.60 -2.14 -15.88
C ILE A 29 -12.40 -2.59 -14.41
N PRO A 30 -12.50 -3.90 -14.13
CA PRO A 30 -12.49 -4.26 -12.68
C PRO A 30 -11.12 -4.22 -11.94
N PHE A 31 -10.01 -4.22 -12.68
CA PHE A 31 -8.66 -4.34 -12.14
C PHE A 31 -7.80 -3.07 -12.35
N ASP A 32 -6.71 -2.97 -11.59
CA ASP A 32 -5.69 -1.94 -11.76
C ASP A 32 -4.82 -2.29 -12.94
N ILE A 33 -4.36 -1.25 -13.66
CA ILE A 33 -3.56 -1.42 -14.87
C ILE A 33 -2.11 -1.42 -14.53
N LYS A 34 -1.50 -2.59 -14.39
CA LYS A 34 -0.06 -2.63 -14.12
C LYS A 34 0.76 -2.52 -15.43
N ARG A 35 0.17 -2.88 -16.54
CA ARG A 35 0.89 -3.01 -17.79
C ARG A 35 -0.07 -2.83 -18.93
N VAL A 36 0.38 -2.15 -19.99
CA VAL A 36 -0.32 -2.17 -21.26
C VAL A 36 0.56 -2.69 -22.35
N TYR A 37 -0.07 -3.15 -23.43
CA TYR A 37 0.64 -3.44 -24.66
C TYR A 37 -0.27 -3.45 -25.88
N TYR A 38 0.36 -3.12 -27.00
CA TYR A 38 -0.35 -2.95 -28.24
C TYR A 38 0.40 -3.62 -29.41
N ILE A 39 -0.42 -4.17 -30.30
CA ILE A 39 0.01 -4.87 -31.48
C ILE A 39 -0.41 -4.08 -32.72
N THR A 40 0.53 -3.92 -33.66
CA THR A 40 0.32 -3.13 -34.88
C THR A 40 1.02 -3.80 -36.09
N LYS A 41 0.47 -3.56 -37.30
CA LYS A 41 1.10 -3.92 -38.59
C LYS A 41 1.23 -5.42 -38.74
N VAL A 42 0.14 -6.12 -38.45
CA VAL A 42 0.09 -7.55 -38.56
C VAL A 42 -0.40 -7.84 -39.97
N ASP A 43 0.28 -8.70 -40.72
CA ASP A 43 -0.23 -9.06 -42.09
C ASP A 43 -1.52 -9.79 -42.00
N LYS A 44 -2.27 -9.75 -43.06
CA LYS A 44 -3.65 -10.26 -42.99
CA LYS A 44 -3.62 -10.30 -43.19
C LYS A 44 -3.76 -11.78 -42.88
N ASP A 45 -2.72 -12.53 -43.21
CA ASP A 45 -2.81 -13.97 -43.12
C ASP A 45 -2.35 -14.51 -41.75
N ILE A 46 -2.04 -13.62 -40.80
CA ILE A 46 -1.48 -14.02 -39.51
C ILE A 46 -2.55 -14.28 -38.44
N THR A 47 -2.35 -15.33 -37.67
CA THR A 47 -3.08 -15.63 -36.50
C THR A 47 -2.04 -15.51 -35.38
N ARG A 48 -2.28 -14.60 -34.42
CA ARG A 48 -1.43 -14.42 -33.24
C ARG A 48 -2.18 -14.92 -32.02
N GLY A 49 -1.47 -15.00 -30.90
CA GLY A 49 -2.05 -15.46 -29.61
C GLY A 49 -1.67 -16.88 -29.30
N TYR A 50 -2.66 -17.75 -29.20
CA TYR A 50 -2.43 -19.16 -28.95
C TYR A 50 -1.85 -19.33 -27.56
N HIS A 51 -2.59 -18.85 -26.57
CA HIS A 51 -2.19 -19.02 -25.20
C HIS A 51 -3.33 -18.79 -24.23
N SER A 52 -3.02 -19.12 -22.97
CA SER A 52 -3.87 -18.89 -21.85
C SER A 52 -3.03 -18.36 -20.71
N HIS A 53 -3.71 -17.89 -19.67
CA HIS A 53 -3.07 -17.40 -18.50
C HIS A 53 -3.73 -18.04 -17.31
N LYS A 54 -2.93 -18.40 -16.31
CA LYS A 54 -3.41 -18.91 -15.05
C LYS A 54 -3.93 -17.84 -14.07
N LYS A 55 -3.33 -16.64 -14.07
CA LYS A 55 -3.68 -15.61 -13.05
C LYS A 55 -4.04 -14.23 -13.58
N LEU A 56 -3.54 -13.90 -14.76
CA LEU A 56 -3.67 -12.59 -15.37
C LEU A 56 -5.10 -12.30 -15.76
N HIS A 57 -5.52 -11.05 -15.58
CA HIS A 57 -6.79 -10.52 -16.06
C HIS A 57 -6.38 -9.47 -17.13
N GLN A 58 -7.04 -9.47 -18.31
CA GLN A 58 -6.72 -8.53 -19.40
C GLN A 58 -7.97 -8.06 -20.11
N VAL A 59 -7.91 -6.88 -20.69
CA VAL A 59 -9.00 -6.45 -21.54
C VAL A 59 -8.43 -6.05 -22.88
N LEU A 60 -8.94 -6.69 -23.94
CA LEU A 60 -8.48 -6.38 -25.32
C LEU A 60 -9.38 -5.32 -25.97
N ILE A 61 -8.79 -4.35 -26.67
CA ILE A 61 -9.55 -3.28 -27.31
C ILE A 61 -8.96 -2.95 -28.68
N CYS A 62 -9.81 -2.96 -29.70
CA CYS A 62 -9.34 -2.62 -31.05
C CYS A 62 -9.70 -1.18 -31.27
N LEU A 63 -8.67 -0.33 -31.37
CA LEU A 63 -8.82 1.10 -31.56
C LEU A 63 -8.78 1.61 -33.02
N ASN A 64 -8.42 0.77 -33.98
CA ASN A 64 -8.48 1.09 -35.41
C ASN A 64 -8.70 -0.17 -36.28
N GLY A 65 -9.55 -0.05 -37.30
CA GLY A 65 -9.86 -1.17 -38.15
C GLY A 65 -10.51 -2.24 -37.31
N SER A 66 -10.12 -3.49 -37.57
CA SER A 66 -10.88 -4.64 -37.12
C SER A 66 -9.94 -5.84 -36.88
N VAL A 67 -10.35 -6.75 -36.02
CA VAL A 67 -9.58 -7.93 -35.69
C VAL A 67 -10.59 -8.89 -35.10
N LYS A 68 -10.44 -10.17 -35.41
CA LYS A 68 -11.27 -11.20 -34.81
C LYS A 68 -10.52 -11.98 -33.72
N ILE A 69 -11.24 -12.29 -32.64
CA ILE A 69 -10.73 -13.04 -31.53
C ILE A 69 -11.51 -14.33 -31.32
N ARG A 70 -10.79 -15.44 -31.39
CA ARG A 70 -11.30 -16.75 -31.18
C ARG A 70 -11.02 -17.13 -29.72
N LEU A 71 -12.09 -17.43 -28.99
CA LEU A 71 -11.99 -17.75 -27.58
C LEU A 71 -12.41 -19.19 -27.41
N LYS A 72 -11.60 -19.95 -26.69
CA LYS A 72 -11.91 -21.35 -26.46
C LYS A 72 -11.76 -21.73 -24.98
N ILE A 73 -12.68 -22.55 -24.54
CA ILE A 73 -12.55 -23.35 -23.35
C ILE A 73 -13.05 -24.70 -23.83
N PRO A 74 -12.90 -25.76 -23.01
CA PRO A 74 -13.19 -27.06 -23.56
C PRO A 74 -14.63 -27.19 -23.97
N ASP A 75 -14.83 -27.68 -25.20
CA ASP A 75 -16.15 -27.98 -25.77
C ASP A 75 -16.90 -26.75 -26.24
N GLU A 76 -16.22 -25.60 -26.27
CA GLU A 76 -16.88 -24.35 -26.62
C GLU A 76 -15.87 -23.45 -27.32
N GLU A 77 -16.32 -22.85 -28.41
CA GLU A 77 -15.49 -21.94 -29.17
C GLU A 77 -16.36 -20.77 -29.58
N LYS A 78 -15.90 -19.56 -29.35
CA LYS A 78 -16.65 -18.40 -29.75
C LYS A 78 -15.74 -17.49 -30.58
N ILE A 79 -16.32 -16.70 -31.49
CA ILE A 79 -15.57 -15.71 -32.24
C ILE A 79 -16.21 -14.34 -32.11
N ILE A 80 -15.41 -13.34 -31.77
CA ILE A 80 -15.87 -12.00 -31.50
C ILE A 80 -15.01 -11.09 -32.34
N GLU A 81 -15.65 -10.30 -33.19
CA GLU A 81 -14.98 -9.28 -33.97
C GLU A 81 -14.93 -8.01 -33.17
N LEU A 82 -13.76 -7.39 -33.15
CA LEU A 82 -13.61 -6.14 -32.41
C LEU A 82 -13.31 -5.07 -33.44
N ASN A 83 -14.11 -4.00 -33.41
CA ASN A 83 -14.13 -2.98 -34.47
C ASN A 83 -14.76 -1.66 -33.98
N ASP A 84 -14.88 -1.55 -32.65
CA ASP A 84 -15.38 -0.37 -31.97
C ASP A 84 -14.46 -0.11 -30.78
N PRO A 85 -13.69 1.01 -30.81
CA PRO A 85 -12.76 1.42 -29.81
C PRO A 85 -13.39 1.60 -28.45
N SER A 86 -14.69 1.76 -28.40
CA SER A 86 -15.33 1.97 -27.14
C SER A 86 -15.91 0.69 -26.52
N VAL A 87 -15.53 -0.48 -27.02
CA VAL A 87 -15.94 -1.75 -26.44
C VAL A 87 -14.72 -2.61 -26.12
N GLY A 88 -14.66 -3.10 -24.89
CA GLY A 88 -13.49 -3.87 -24.43
C GLY A 88 -13.89 -5.29 -24.30
N LEU A 89 -12.95 -6.19 -24.59
CA LEU A 89 -13.23 -7.61 -24.41
C LEU A 89 -12.43 -8.16 -23.21
N TYR A 90 -13.13 -8.50 -22.14
CA TYR A 90 -12.47 -8.88 -20.88
C TYR A 90 -12.18 -10.37 -20.91
N ILE A 91 -10.95 -10.77 -20.70
CA ILE A 91 -10.62 -12.20 -20.68
C ILE A 91 -9.94 -12.54 -19.37
N GLY A 92 -10.61 -13.42 -18.64
CA GLY A 92 -10.14 -13.88 -17.35
C GLY A 92 -9.20 -15.04 -17.57
N PRO A 93 -8.72 -15.64 -16.46
CA PRO A 93 -7.88 -16.81 -16.45
C PRO A 93 -8.47 -18.03 -17.08
N LEU A 94 -7.61 -18.84 -17.66
CA LEU A 94 -8.00 -20.12 -18.23
C LEU A 94 -8.97 -20.10 -19.41
N VAL A 95 -9.07 -18.96 -20.10
CA VAL A 95 -9.65 -18.96 -21.41
C VAL A 95 -8.46 -19.04 -22.36
N TRP A 96 -8.56 -19.85 -23.39
CA TRP A 96 -7.53 -19.84 -24.50
C TRP A 96 -7.93 -18.91 -25.63
N HIS A 97 -7.05 -18.05 -26.13
CA HIS A 97 -7.52 -17.19 -27.24
C HIS A 97 -6.51 -17.03 -28.37
N GLU A 98 -7.03 -16.57 -29.53
CA GLU A 98 -6.31 -16.45 -30.79
C GLU A 98 -6.86 -15.21 -31.50
N MET A 99 -6.00 -14.43 -32.13
CA MET A 99 -6.42 -13.20 -32.83
C MET A 99 -6.07 -13.29 -34.30
N PHE A 100 -7.02 -13.05 -35.17
CA PHE A 100 -6.76 -13.22 -36.64
C PHE A 100 -7.60 -12.20 -37.40
N ASP A 101 -7.48 -12.17 -38.72
CA ASP A 101 -8.06 -11.11 -39.59
C ASP A 101 -7.81 -9.72 -39.08
N PHE A 102 -6.56 -9.42 -38.79
CA PHE A 102 -6.13 -8.06 -38.59
C PHE A 102 -6.30 -7.34 -39.91
N THR A 103 -7.13 -6.30 -39.92
CA THR A 103 -7.26 -5.44 -41.09
C THR A 103 -6.06 -4.53 -41.20
N GLU A 104 -5.99 -3.84 -42.32
CA GLU A 104 -4.91 -2.90 -42.62
C GLU A 104 -5.13 -1.72 -41.67
N GLY A 105 -4.04 -1.21 -41.12
CA GLY A 105 -4.07 -0.21 -40.03
C GLY A 105 -4.56 -0.62 -38.64
N CYS A 106 -4.93 -1.88 -38.43
CA CYS A 106 -5.47 -2.32 -37.15
C CYS A 106 -4.52 -2.04 -36.01
N VAL A 107 -5.10 -1.69 -34.84
CA VAL A 107 -4.40 -1.48 -33.59
C VAL A 107 -5.15 -2.20 -32.48
N LEU A 108 -4.49 -3.16 -31.86
CA LEU A 108 -5.01 -3.92 -30.75
C LEU A 108 -4.21 -3.49 -29.50
N LEU A 109 -4.96 -3.08 -28.50
CA LEU A 109 -4.43 -2.60 -27.25
C LEU A 109 -4.96 -3.55 -26.23
N VAL A 110 -4.08 -3.94 -25.34
CA VAL A 110 -4.44 -4.77 -24.24
C VAL A 110 -4.03 -4.05 -22.97
N LEU A 111 -4.96 -4.02 -22.04
CA LEU A 111 -4.76 -3.62 -20.67
C LEU A 111 -4.64 -4.89 -19.79
N ALA A 112 -3.68 -4.95 -18.90
CA ALA A 112 -3.38 -6.16 -18.13
C ALA A 112 -3.18 -5.94 -16.59
N SER A 113 -3.65 -6.90 -15.79
CA SER A 113 -3.56 -6.71 -14.33
C SER A 113 -2.22 -7.04 -13.68
N GLU A 114 -1.24 -7.60 -14.39
CA GLU A 114 0.06 -7.91 -13.79
C GLU A 114 1.17 -7.57 -14.74
N TYR A 115 2.38 -7.50 -14.22
CA TYR A 115 3.50 -7.26 -15.12
C TYR A 115 3.69 -8.56 -15.85
N TYR A 116 4.38 -8.48 -16.97
CA TYR A 116 4.63 -9.64 -17.85
C TYR A 116 5.37 -10.76 -17.15
N ASP A 117 4.84 -11.97 -17.23
CA ASP A 117 5.35 -13.11 -16.47
C ASP A 117 5.19 -14.33 -17.33
N GLU A 118 6.32 -14.82 -17.81
CA GLU A 118 6.31 -15.94 -18.76
C GLU A 118 5.74 -17.18 -18.11
N THR A 119 6.01 -17.38 -16.82
CA THR A 119 5.52 -18.58 -16.14
C THR A 119 3.98 -18.60 -16.00
N ASP A 120 3.32 -17.43 -16.08
CA ASP A 120 1.82 -17.36 -16.05
C ASP A 120 1.11 -17.76 -17.35
N TYR A 121 1.82 -17.76 -18.47
CA TYR A 121 1.31 -18.29 -19.74
C TYR A 121 1.23 -19.80 -19.76
N ILE A 122 0.18 -20.32 -20.37
CA ILE A 122 0.16 -21.69 -20.91
C ILE A 122 0.16 -21.56 -22.42
N ARG A 123 1.21 -22.11 -23.07
CA ARG A 123 1.39 -22.03 -24.52
C ARG A 123 1.21 -23.34 -25.26
N ASN A 124 1.12 -24.45 -24.54
CA ASN A 124 0.91 -25.74 -25.16
C ASN A 124 -0.57 -26.10 -25.06
N TYR A 125 -1.24 -26.32 -26.17
CA TYR A 125 -2.72 -26.47 -26.14
C TYR A 125 -3.10 -27.72 -25.38
N ASP A 126 -2.26 -28.74 -25.49
CA ASP A 126 -2.54 -29.98 -24.81
C ASP A 126 -2.43 -29.76 -23.30
N PHE A 127 -1.44 -28.97 -22.86
CA PHE A 127 -1.36 -28.59 -21.43
CA PHE A 127 -1.33 -28.58 -21.45
C PHE A 127 -2.55 -27.72 -21.02
N TYR A 128 -2.94 -26.78 -21.88
CA TYR A 128 -4.10 -25.95 -21.56
C TYR A 128 -5.31 -26.81 -21.27
N ILE A 129 -5.67 -27.66 -22.24
CA ILE A 129 -6.87 -28.50 -22.17
C ILE A 129 -6.91 -29.32 -20.88
N ASP A 130 -5.82 -30.02 -20.61
CA ASP A 130 -5.63 -30.71 -19.33
C ASP A 130 -6.05 -29.87 -18.12
N GLU A 131 -5.49 -28.67 -18.04
CA GLU A 131 -5.66 -27.81 -16.87
C GLU A 131 -7.08 -27.23 -16.84
N ALA A 132 -7.59 -26.87 -18.00
CA ALA A 132 -8.91 -26.29 -18.11
C ALA A 132 -10.01 -27.27 -17.75
N LYS A 133 -9.82 -28.53 -18.11
CA LYS A 133 -10.85 -29.53 -17.83
C LYS A 133 -11.09 -29.66 -16.33
N LYS A 134 -10.06 -29.47 -15.53
CA LYS A 134 -10.19 -29.62 -14.09
C LYS A 134 -11.14 -28.61 -13.52
N ARG A 135 -11.16 -27.42 -14.12
CA ARG A 135 -12.05 -26.32 -13.81
C ARG A 135 -13.43 -26.47 -14.43
N PHE A 136 -13.53 -26.84 -15.72
CA PHE A 136 -14.79 -26.59 -16.47
C PHE A 136 -15.89 -27.66 -16.46
N LEU A 137 -15.57 -28.94 -16.53
CA LEU A 137 -16.62 -29.95 -16.82
C LEU A 137 -17.39 -30.46 -15.58
N MET B 1 14.39 19.17 -25.20
CA MET B 1 13.07 19.69 -25.66
C MET B 1 12.81 21.07 -25.02
N LEU B 2 12.07 21.04 -23.90
CA LEU B 2 11.74 22.18 -23.07
C LEU B 2 11.98 21.64 -21.67
N TYR B 3 11.58 22.37 -20.64
CA TYR B 3 11.55 21.79 -19.30
C TYR B 3 10.39 20.78 -19.17
N ASN B 4 10.59 19.73 -18.39
CA ASN B 4 9.55 18.76 -18.03
C ASN B 4 8.97 17.97 -19.19
N VAL B 5 9.75 17.66 -20.19
CA VAL B 5 9.28 16.90 -21.34
C VAL B 5 10.37 15.92 -21.78
N ALA B 6 9.99 14.74 -22.23
CA ALA B 6 10.97 13.78 -22.71
C ALA B 6 10.35 12.86 -23.75
N LEU B 7 11.18 12.27 -24.61
CA LEU B 7 10.76 11.25 -25.51
C LEU B 7 11.30 10.02 -24.86
N ILE B 8 10.46 9.01 -24.81
CA ILE B 8 10.77 7.74 -24.20
C ILE B 8 10.71 6.67 -25.29
N LYS B 9 11.68 5.76 -25.23
CA LYS B 9 11.79 4.69 -26.23
C LYS B 9 11.35 3.38 -25.65
N PHE B 10 10.42 2.74 -26.33
CA PHE B 10 9.90 1.45 -25.89
C PHE B 10 10.44 0.25 -26.73
N LYS B 11 10.45 -0.94 -26.13
CA LYS B 11 10.63 -2.19 -26.87
C LYS B 11 9.62 -2.32 -28.02
N ASP B 12 10.16 -2.65 -29.18
CA ASP B 12 9.42 -3.00 -30.37
C ASP B 12 9.85 -4.44 -30.67
N ILE B 13 8.97 -5.38 -30.37
CA ILE B 13 9.22 -6.78 -30.65
C ILE B 13 8.55 -6.99 -31.99
N ALA B 14 9.38 -7.00 -33.05
CA ALA B 14 8.96 -7.04 -34.45
C ALA B 14 9.42 -8.35 -35.08
N ASP B 15 8.46 -9.10 -35.64
CA ASP B 15 8.81 -10.29 -36.38
C ASP B 15 7.80 -10.47 -37.53
N LYS B 16 7.72 -11.67 -38.09
CA LYS B 16 6.85 -11.92 -39.23
C LYS B 16 5.36 -11.83 -38.83
N ARG B 17 5.05 -11.79 -37.54
CA ARG B 17 3.67 -11.70 -37.03
C ARG B 17 3.26 -10.26 -36.71
N GLY B 18 4.24 -9.37 -36.71
CA GLY B 18 4.00 -7.95 -36.52
C GLY B 18 4.83 -7.29 -35.41
N HIS B 19 4.31 -6.13 -34.95
CA HIS B 19 4.95 -5.34 -33.91
C HIS B 19 4.12 -5.40 -32.63
N LEU B 20 4.82 -5.42 -31.53
CA LEU B 20 4.23 -5.44 -30.21
C LEU B 20 5.13 -4.58 -29.37
N THR B 21 4.54 -3.57 -28.74
CA THR B 21 5.26 -2.76 -27.73
C THR B 21 4.56 -2.90 -26.36
N PRO B 22 5.30 -3.39 -25.33
CA PRO B 22 4.81 -3.49 -23.95
C PRO B 22 5.28 -2.31 -23.10
N ILE B 23 4.43 -1.85 -22.18
CA ILE B 23 4.76 -0.74 -21.25
C ILE B 23 4.28 -1.16 -19.83
N GLU B 24 5.22 -1.27 -18.89
CA GLU B 24 4.89 -1.62 -17.50
C GLU B 24 5.02 -0.36 -16.68
N GLY B 25 3.97 -0.04 -15.94
CA GLY B 25 3.99 1.11 -15.05
C GLY B 25 5.19 1.11 -14.10
N LYS B 26 5.70 2.32 -13.81
CA LYS B 26 6.90 2.52 -12.98
C LYS B 26 8.17 2.00 -13.61
N ILE B 27 8.06 1.14 -14.60
CA ILE B 27 9.24 0.56 -15.25
C ILE B 27 9.62 1.21 -16.60
N ASP B 28 8.77 1.09 -17.59
CA ASP B 28 9.03 1.68 -18.92
C ASP B 28 8.60 3.14 -19.01
N ILE B 29 7.69 3.55 -18.15
CA ILE B 29 7.43 4.94 -17.88
C ILE B 29 7.69 5.14 -16.40
N PRO B 30 7.90 6.37 -15.98
CA PRO B 30 8.25 6.62 -14.59
C PRO B 30 7.11 6.65 -13.61
N PHE B 31 5.89 6.33 -14.01
CA PHE B 31 4.80 6.41 -13.06
C PHE B 31 3.92 5.22 -13.23
N ASP B 32 3.01 5.06 -12.27
CA ASP B 32 1.99 4.02 -12.24
C ASP B 32 0.84 4.51 -13.06
N ILE B 33 0.20 3.60 -13.78
CA ILE B 33 -0.84 3.95 -14.72
C ILE B 33 -2.21 3.85 -14.06
N LYS B 34 -2.87 4.97 -13.80
CA LYS B 34 -4.19 4.91 -13.21
C LYS B 34 -5.29 5.05 -14.22
N ARG B 35 -4.99 5.64 -15.36
CA ARG B 35 -5.99 5.90 -16.39
C ARG B 35 -5.30 5.91 -17.75
N VAL B 36 -5.93 5.33 -18.78
CA VAL B 36 -5.50 5.57 -20.16
C VAL B 36 -6.65 6.19 -20.84
N TYR B 37 -6.35 6.92 -21.93
CA TYR B 37 -7.41 7.31 -22.85
C TYR B 37 -6.87 7.45 -24.24
N TYR B 38 -7.76 7.43 -25.20
CA TYR B 38 -7.31 7.43 -26.56
C TYR B 38 -8.27 8.21 -27.41
N ILE B 39 -7.67 8.92 -28.36
CA ILE B 39 -8.41 9.78 -29.26
C ILE B 39 -8.27 9.26 -30.67
N THR B 40 -9.41 9.25 -31.38
CA THR B 40 -9.52 8.72 -32.74
C THR B 40 -10.48 9.54 -33.58
N LYS B 41 -10.31 9.40 -34.89
CA LYS B 41 -11.32 9.88 -35.86
C LYS B 41 -11.44 11.40 -35.83
N VAL B 42 -10.28 12.02 -35.73
CA VAL B 42 -10.13 13.45 -35.74
C VAL B 42 -9.97 13.89 -37.19
N ASP B 43 -10.85 14.80 -37.64
CA ASP B 43 -10.73 15.44 -38.98
C ASP B 43 -9.40 16.14 -39.15
N LYS B 44 -8.96 16.25 -40.40
CA LYS B 44 -7.64 16.80 -40.74
C LYS B 44 -7.43 18.25 -40.31
N ASP B 45 -8.52 19.00 -40.14
CA ASP B 45 -8.41 20.44 -39.81
C ASP B 45 -8.54 20.76 -38.31
N ILE B 46 -8.80 19.75 -37.49
CA ILE B 46 -8.99 19.92 -36.04
C ILE B 46 -7.67 20.10 -35.27
N THR B 47 -7.68 21.04 -34.35
CA THR B 47 -6.67 21.09 -33.29
C THR B 47 -7.41 20.75 -31.99
N ARG B 48 -6.84 19.87 -31.18
CA ARG B 48 -7.38 19.63 -29.82
C ARG B 48 -6.33 19.87 -28.80
N GLY B 49 -6.68 19.66 -27.55
CA GLY B 49 -5.75 19.86 -26.45
C GLY B 49 -6.05 21.15 -25.72
N TYR B 50 -5.15 22.12 -25.82
CA TYR B 50 -5.35 23.42 -25.24
C TYR B 50 -5.48 23.33 -23.73
N HIS B 51 -4.47 22.74 -23.10
CA HIS B 51 -4.40 22.72 -21.65
C HIS B 51 -3.04 22.32 -21.06
N SER B 52 -2.99 22.49 -19.74
CA SER B 52 -1.90 22.11 -18.90
C SER B 52 -2.51 21.52 -17.64
N HIS B 53 -1.69 20.89 -16.81
CA HIS B 53 -2.11 20.28 -15.56
C HIS B 53 -1.11 20.65 -14.53
N LYS B 54 -1.53 20.71 -13.28
CA LYS B 54 -0.60 21.04 -12.19
C LYS B 54 0.05 19.82 -11.59
N LYS B 55 -0.67 18.70 -11.51
CA LYS B 55 -0.16 17.48 -10.87
C LYS B 55 0.04 16.28 -11.81
N LEU B 56 -0.88 16.17 -12.77
CA LEU B 56 -0.89 15.06 -13.69
C LEU B 56 0.44 14.90 -14.44
N HIS B 57 1.02 13.69 -14.39
CA HIS B 57 2.01 13.22 -15.35
C HIS B 57 1.32 12.38 -16.43
N GLN B 58 1.75 12.55 -17.66
CA GLN B 58 1.16 11.93 -18.84
C GLN B 58 2.25 11.45 -19.81
N VAL B 59 1.91 10.48 -20.67
CA VAL B 59 2.77 10.06 -21.76
C VAL B 59 1.94 9.88 -22.98
N LEU B 60 2.32 10.58 -24.05
CA LEU B 60 1.55 10.53 -25.30
C LEU B 60 2.19 9.58 -26.30
N ILE B 61 1.35 8.87 -27.06
CA ILE B 61 1.83 7.81 -27.96
C ILE B 61 0.91 7.66 -29.13
N CYS B 62 1.46 7.87 -30.34
CA CYS B 62 0.72 7.65 -31.61
C CYS B 62 0.91 6.21 -32.05
N LEU B 63 -0.18 5.47 -32.09
CA LEU B 63 -0.11 4.04 -32.41
C LEU B 63 -0.42 3.74 -33.88
N ASN B 64 -0.94 4.71 -34.62
CA ASN B 64 -1.18 4.55 -36.05
C ASN B 64 -1.17 5.93 -36.62
N GLY B 65 -0.74 6.01 -37.86
CA GLY B 65 -0.62 7.29 -38.53
C GLY B 65 0.33 8.28 -37.88
N SER B 66 -0.03 9.55 -38.01
CA SER B 66 0.82 10.62 -37.55
C SER B 66 0.00 11.72 -36.91
N VAL B 67 0.57 12.40 -35.92
CA VAL B 67 -0.08 13.56 -35.30
C VAL B 67 0.97 14.44 -34.70
N LYS B 68 0.79 15.76 -34.82
CA LYS B 68 1.75 16.73 -34.28
C LYS B 68 1.35 17.30 -32.89
N ILE B 69 2.32 17.41 -31.98
CA ILE B 69 2.08 18.03 -30.69
C ILE B 69 2.81 19.39 -30.56
N ARG B 70 2.04 20.42 -30.23
CA ARG B 70 2.60 21.74 -30.01
C ARG B 70 2.73 21.94 -28.50
N LEU B 71 3.97 22.13 -28.04
CA LEU B 71 4.28 22.22 -26.63
C LEU B 71 4.66 23.65 -26.29
N LYS B 72 4.08 24.23 -25.25
CA LYS B 72 4.41 25.61 -24.88
C LYS B 72 4.77 25.71 -23.42
N ILE B 73 5.85 26.43 -23.14
CA ILE B 73 6.04 27.10 -21.87
C ILE B 73 6.18 28.60 -22.19
N PRO B 74 6.33 29.45 -21.16
CA PRO B 74 6.42 30.88 -21.47
C PRO B 74 7.59 31.23 -22.40
N ASP B 75 7.25 31.85 -23.54
CA ASP B 75 8.21 32.32 -24.58
C ASP B 75 9.10 31.22 -25.17
N GLU B 76 8.60 29.99 -25.21
CA GLU B 76 9.31 28.91 -25.87
C GLU B 76 8.27 27.91 -26.35
N GLU B 77 8.38 27.54 -27.61
CA GLU B 77 7.48 26.61 -28.27
C GLU B 77 8.33 25.53 -28.94
N LYS B 78 7.85 24.29 -28.94
CA LYS B 78 8.42 23.27 -29.82
C LYS B 78 7.34 22.35 -30.38
N ILE B 79 7.52 21.94 -31.64
CA ILE B 79 6.57 21.06 -32.31
C ILE B 79 7.18 19.67 -32.48
N ILE B 80 6.49 18.64 -31.95
CA ILE B 80 6.96 17.27 -32.05
C ILE B 80 5.96 16.44 -32.85
N GLU B 81 6.46 15.74 -33.85
CA GLU B 81 5.56 14.89 -34.63
C GLU B 81 5.61 13.48 -34.08
N LEU B 82 4.45 12.90 -33.79
CA LEU B 82 4.41 11.51 -33.29
C LEU B 82 3.92 10.61 -34.41
N ASN B 83 4.74 9.61 -34.70
CA ASN B 83 4.52 8.73 -35.83
C ASN B 83 5.16 7.35 -35.64
N ASP B 84 5.59 7.01 -34.43
CA ASP B 84 6.22 5.73 -34.17
C ASP B 84 5.63 5.18 -32.87
N PRO B 85 4.88 4.07 -32.94
CA PRO B 85 4.23 3.48 -31.76
C PRO B 85 5.21 3.09 -30.68
N SER B 86 6.49 3.08 -31.01
CA SER B 86 7.49 2.64 -30.05
C SER B 86 8.13 3.83 -29.34
N VAL B 87 7.61 5.02 -29.62
CA VAL B 87 8.11 6.25 -29.00
C VAL B 87 6.97 6.95 -28.25
N GLY B 88 7.21 7.23 -26.96
CA GLY B 88 6.26 7.98 -26.12
C GLY B 88 6.80 9.37 -25.84
N LEU B 89 5.91 10.35 -25.70
CA LEU B 89 6.28 11.70 -25.31
C LEU B 89 5.72 11.94 -23.92
N TYR B 90 6.64 12.04 -22.97
CA TYR B 90 6.31 12.32 -21.62
C TYR B 90 6.14 13.83 -21.42
N ILE B 91 5.01 14.23 -20.86
CA ILE B 91 4.77 15.62 -20.53
C ILE B 91 4.45 15.73 -19.06
N GLY B 92 5.27 16.45 -18.33
CA GLY B 92 5.01 16.64 -16.93
C GLY B 92 4.12 17.84 -16.67
N PRO B 93 3.87 18.13 -15.37
CA PRO B 93 3.00 19.25 -15.03
C PRO B 93 3.56 20.58 -15.49
N LEU B 94 2.68 21.55 -15.57
CA LEU B 94 2.98 22.91 -15.99
C LEU B 94 3.54 23.06 -17.42
N VAL B 95 3.14 22.15 -18.31
CA VAL B 95 3.43 22.29 -19.76
C VAL B 95 2.13 22.37 -20.56
N TRP B 96 2.00 23.37 -21.41
CA TRP B 96 0.80 23.51 -22.21
C TRP B 96 0.98 22.74 -23.49
N HIS B 97 -0.03 22.01 -23.93
CA HIS B 97 0.08 21.36 -25.22
C HIS B 97 -1.21 21.40 -25.99
N GLU B 98 -1.07 21.25 -27.31
CA GLU B 98 -2.17 21.22 -28.27
C GLU B 98 -1.79 20.10 -29.20
N MET B 99 -2.78 19.51 -29.87
CA MET B 99 -2.54 18.42 -30.84
C MET B 99 -3.21 18.69 -32.17
N PHE B 100 -2.45 18.51 -33.24
CA PHE B 100 -2.97 18.88 -34.54
C PHE B 100 -2.31 18.04 -35.63
N ASP B 101 -2.89 18.13 -36.84
CA ASP B 101 -2.51 17.30 -37.98
C ASP B 101 -2.64 15.81 -37.69
N PHE B 102 -3.83 15.46 -37.20
CA PHE B 102 -4.14 14.06 -37.08
C PHE B 102 -4.40 13.55 -38.47
N THR B 103 -3.57 12.59 -38.91
CA THR B 103 -3.79 11.91 -40.19
C THR B 103 -4.99 10.98 -40.13
N GLU B 104 -5.47 10.66 -41.32
CA GLU B 104 -6.43 9.63 -41.51
C GLU B 104 -6.05 8.35 -40.76
N GLY B 105 -6.97 7.87 -39.92
CA GLY B 105 -6.75 6.69 -39.10
C GLY B 105 -5.81 6.89 -37.91
N CYS B 106 -5.41 8.12 -37.61
CA CYS B 106 -4.60 8.36 -36.41
C CYS B 106 -5.26 7.81 -35.13
N VAL B 107 -4.45 7.13 -34.29
CA VAL B 107 -4.79 6.80 -32.93
C VAL B 107 -3.72 7.38 -32.00
N LEU B 108 -4.18 8.27 -31.10
CA LEU B 108 -3.41 8.82 -29.99
C LEU B 108 -3.83 8.23 -28.60
N LEU B 109 -2.87 7.57 -27.97
CA LEU B 109 -3.03 6.89 -26.70
C LEU B 109 -2.33 7.77 -25.72
N VAL B 110 -2.97 7.99 -24.57
CA VAL B 110 -2.37 8.73 -23.47
C VAL B 110 -2.36 7.89 -22.21
N LEU B 111 -1.19 7.77 -21.59
CA LEU B 111 -1.10 7.08 -20.32
C LEU B 111 -1.07 8.18 -19.27
N ALA B 112 -1.75 7.98 -18.14
CA ALA B 112 -1.95 9.06 -17.14
C ALA B 112 -1.75 8.60 -15.67
N SER B 113 -0.95 9.36 -14.93
CA SER B 113 -0.68 9.06 -13.52
C SER B 113 -1.85 9.15 -12.54
N GLU B 114 -2.97 9.74 -12.96
CA GLU B 114 -4.07 10.00 -12.01
C GLU B 114 -5.41 9.85 -12.74
N TYR B 115 -6.48 9.66 -11.97
CA TYR B 115 -7.81 9.61 -12.54
C TYR B 115 -8.17 10.99 -13.03
N TYR B 116 -9.06 11.07 -13.99
CA TYR B 116 -9.58 12.33 -14.50
C TYR B 116 -10.03 13.22 -13.36
N ASP B 117 -9.42 14.41 -13.27
CA ASP B 117 -9.74 15.49 -12.31
C ASP B 117 -9.70 16.87 -13.02
N GLU B 118 -10.89 17.42 -13.29
CA GLU B 118 -11.10 18.65 -14.05
C GLU B 118 -10.51 19.87 -13.34
N THR B 119 -10.37 19.80 -12.02
CA THR B 119 -9.76 20.89 -11.26
C THR B 119 -8.25 20.98 -11.45
N ASP B 120 -7.62 19.91 -11.94
CA ASP B 120 -6.18 19.88 -12.25
C ASP B 120 -5.90 20.45 -13.64
N TYR B 121 -6.94 20.67 -14.43
CA TYR B 121 -6.77 21.32 -15.72
C TYR B 121 -6.64 22.84 -15.56
N ILE B 122 -5.79 23.42 -16.37
CA ILE B 122 -5.77 24.80 -16.65
C ILE B 122 -6.15 24.85 -18.09
N ARG B 123 -7.24 25.53 -18.41
CA ARG B 123 -7.78 25.55 -19.80
C ARG B 123 -7.71 26.92 -20.49
N ASN B 124 -7.31 27.94 -19.75
CA ASN B 124 -7.17 29.30 -20.27
C ASN B 124 -5.67 29.61 -20.42
N TYR B 125 -5.24 29.96 -21.62
CA TYR B 125 -3.80 30.23 -21.83
C TYR B 125 -3.20 31.35 -20.93
N ASP B 126 -3.91 32.44 -20.70
CA ASP B 126 -3.37 33.57 -19.87
C ASP B 126 -3.10 33.16 -18.45
N PHE B 127 -4.04 32.39 -17.90
CA PHE B 127 -3.88 31.79 -16.58
C PHE B 127 -2.71 30.82 -16.57
N TYR B 128 -2.62 30.01 -17.63
CA TYR B 128 -1.53 29.07 -17.73
C TYR B 128 -0.25 29.87 -17.56
N ILE B 129 -0.10 30.93 -18.36
CA ILE B 129 1.13 31.77 -18.37
C ILE B 129 1.44 32.35 -17.01
N ASP B 130 0.45 32.95 -16.36
CA ASP B 130 0.64 33.51 -15.02
C ASP B 130 1.21 32.49 -14.03
N GLU B 131 0.64 31.29 -14.04
CA GLU B 131 1.04 30.23 -13.10
C GLU B 131 2.45 29.72 -13.46
N ALA B 132 2.62 29.43 -14.73
CA ALA B 132 3.87 28.90 -15.22
C ALA B 132 5.00 29.89 -15.00
N LYS B 133 4.72 31.18 -15.16
CA LYS B 133 5.76 32.18 -14.93
C LYS B 133 6.33 32.00 -13.58
N LYS B 134 5.52 31.86 -12.55
CA LYS B 134 6.08 31.52 -11.22
C LYS B 134 7.18 30.44 -11.32
N ARG B 135 6.86 29.29 -11.95
CA ARG B 135 7.77 28.12 -12.01
C ARG B 135 9.10 28.38 -12.68
N PHE B 136 9.05 28.96 -13.88
CA PHE B 136 10.18 28.91 -14.80
C PHE B 136 11.10 30.13 -14.81
N LEU B 137 10.70 31.22 -14.15
CA LEU B 137 11.42 32.48 -14.33
C LEU B 137 12.43 32.75 -13.22
N GLU B 138 13.54 33.38 -13.61
CA GLU B 138 14.49 34.00 -12.69
C GLU B 138 14.16 35.49 -12.65
N MET C 1 -26.71 -7.02 -26.87
CA MET C 1 -25.45 -7.47 -26.19
C MET C 1 -25.48 -7.09 -24.72
N LEU C 2 -25.27 -8.07 -23.84
CA LEU C 2 -25.29 -7.84 -22.39
C LEU C 2 -23.90 -7.48 -21.91
N TYR C 3 -23.64 -6.18 -21.89
CA TYR C 3 -22.35 -5.61 -21.54
C TYR C 3 -22.07 -5.72 -20.04
N ASN C 4 -20.79 -5.70 -19.67
CA ASN C 4 -20.36 -5.64 -18.28
C ASN C 4 -20.85 -6.78 -17.39
N VAL C 5 -21.18 -7.93 -17.97
CA VAL C 5 -21.54 -9.14 -17.25
C VAL C 5 -20.76 -10.34 -17.81
N ALA C 6 -20.39 -11.26 -16.92
CA ALA C 6 -19.81 -12.53 -17.25
C ALA C 6 -20.20 -13.55 -16.20
N LEU C 7 -20.25 -14.81 -16.59
CA LEU C 7 -20.25 -15.90 -15.67
C LEU C 7 -18.82 -16.33 -15.58
N ILE C 8 -18.38 -16.60 -14.36
CA ILE C 8 -17.06 -16.97 -13.99
C ILE C 8 -17.04 -18.37 -13.36
N LYS C 9 -16.07 -19.20 -13.73
CA LYS C 9 -16.04 -20.57 -13.29
C LYS C 9 -14.95 -20.76 -12.26
N PHE C 10 -15.32 -21.20 -11.07
CA PHE C 10 -14.33 -21.37 -9.99
C PHE C 10 -13.92 -22.79 -9.90
N LYS C 11 -12.80 -23.04 -9.23
CA LYS C 11 -12.41 -24.37 -8.87
C LYS C 11 -13.50 -25.03 -8.05
N ASP C 12 -13.82 -26.26 -8.41
CA ASP C 12 -14.62 -27.13 -7.59
C ASP C 12 -13.78 -28.37 -7.21
N ILE C 13 -13.25 -28.42 -6.00
CA ILE C 13 -12.46 -29.57 -5.51
C ILE C 13 -13.37 -30.60 -4.83
N ALA C 14 -13.73 -31.65 -5.58
CA ALA C 14 -14.84 -32.51 -5.21
C ALA C 14 -14.32 -33.92 -5.03
N ASP C 15 -14.52 -34.44 -3.83
CA ASP C 15 -14.18 -35.82 -3.54
C ASP C 15 -15.21 -36.35 -2.56
N LYS C 16 -14.88 -37.43 -1.88
CA LYS C 16 -15.76 -38.09 -0.97
C LYS C 16 -15.97 -37.27 0.30
N ARG C 17 -15.07 -36.29 0.53
CA ARG C 17 -15.25 -35.35 1.66
C ARG C 17 -16.29 -34.26 1.37
N GLY C 18 -16.68 -34.10 0.10
CA GLY C 18 -17.68 -33.08 -0.28
C GLY C 18 -17.19 -32.17 -1.41
N HIS C 19 -17.55 -30.89 -1.37
CA HIS C 19 -17.11 -29.92 -2.39
C HIS C 19 -16.52 -28.71 -1.67
N LEU C 20 -15.36 -28.24 -2.13
CA LEU C 20 -14.77 -26.95 -1.71
C LEU C 20 -14.41 -26.05 -2.89
N THR C 21 -14.79 -24.79 -2.79
CA THR C 21 -14.39 -23.77 -3.78
C THR C 21 -13.68 -22.65 -3.02
N PRO C 22 -12.42 -22.34 -3.38
CA PRO C 22 -11.72 -21.13 -2.93
C PRO C 22 -11.87 -20.01 -3.91
N ILE C 23 -11.92 -18.78 -3.42
CA ILE C 23 -11.92 -17.63 -4.30
C ILE C 23 -10.99 -16.57 -3.68
N GLU C 24 -9.88 -16.31 -4.39
CA GLU C 24 -8.88 -15.34 -3.97
C GLU C 24 -9.11 -13.98 -4.65
N GLY C 25 -9.16 -12.90 -3.88
CA GLY C 25 -9.29 -11.57 -4.48
C GLY C 25 -8.17 -11.35 -5.48
N LYS C 26 -8.53 -10.89 -6.68
CA LYS C 26 -7.57 -10.51 -7.76
C LYS C 26 -7.05 -11.67 -8.56
N ILE C 27 -7.24 -12.87 -8.03
CA ILE C 27 -6.87 -14.02 -8.77
C ILE C 27 -8.12 -14.66 -9.42
N ASP C 28 -9.03 -15.20 -8.61
CA ASP C 28 -10.22 -15.91 -9.15
C ASP C 28 -11.33 -14.98 -9.58
N ILE C 29 -11.27 -13.77 -9.05
CA ILE C 29 -12.07 -12.66 -9.46
C ILE C 29 -11.09 -11.52 -9.73
N PRO C 30 -11.47 -10.57 -10.58
CA PRO C 30 -10.61 -9.48 -10.98
C PRO C 30 -10.37 -8.40 -9.92
N PHE C 31 -11.25 -8.27 -8.94
CA PHE C 31 -11.12 -7.28 -7.88
C PHE C 31 -10.76 -7.84 -6.49
N ASP C 32 -10.34 -6.97 -5.56
CA ASP C 32 -10.15 -7.30 -4.14
C ASP C 32 -11.47 -7.29 -3.44
N ILE C 33 -11.62 -8.17 -2.45
CA ILE C 33 -12.82 -8.26 -1.64
C ILE C 33 -12.70 -7.30 -0.47
N LYS C 34 -13.60 -6.34 -0.43
CA LYS C 34 -13.67 -5.42 0.69
C LYS C 34 -14.89 -5.72 1.49
N ARG C 35 -15.86 -6.38 0.89
CA ARG C 35 -17.04 -6.74 1.65
C ARG C 35 -17.68 -7.98 1.05
N VAL C 36 -18.36 -8.72 1.89
CA VAL C 36 -19.25 -9.74 1.47
C VAL C 36 -20.55 -9.57 2.24
N TYR C 37 -21.65 -9.97 1.58
CA TYR C 37 -22.91 -10.15 2.24
C TYR C 37 -23.59 -11.37 1.67
N TYR C 38 -24.54 -11.89 2.46
CA TYR C 38 -25.34 -13.05 2.05
C TYR C 38 -26.82 -12.90 2.41
N ILE C 39 -27.64 -13.47 1.54
CA ILE C 39 -29.03 -13.38 1.60
C ILE C 39 -29.56 -14.78 1.77
N THR C 40 -30.38 -14.95 2.81
CA THR C 40 -30.98 -16.24 3.18
C THR C 40 -32.45 -16.12 3.58
N LYS C 41 -33.18 -17.24 3.50
CA LYS C 41 -34.52 -17.37 4.07
C LYS C 41 -35.50 -16.43 3.40
N VAL C 42 -35.51 -16.49 2.07
CA VAL C 42 -36.37 -15.64 1.30
C VAL C 42 -37.60 -16.44 0.86
N ASP C 43 -38.80 -15.92 1.17
CA ASP C 43 -40.08 -16.51 0.72
C ASP C 43 -40.12 -16.57 -0.79
N LYS C 44 -40.83 -17.57 -1.31
CA LYS C 44 -40.73 -17.98 -2.74
C LYS C 44 -41.28 -16.97 -3.76
N ASP C 45 -42.01 -15.97 -3.26
CA ASP C 45 -42.69 -14.98 -4.12
C ASP C 45 -42.09 -13.59 -4.05
N ILE C 46 -41.05 -13.43 -3.24
CA ILE C 46 -40.26 -12.20 -3.23
C ILE C 46 -39.38 -12.04 -4.47
N THR C 47 -39.30 -10.80 -4.89
CA THR C 47 -38.32 -10.34 -5.81
C THR C 47 -37.52 -9.28 -5.08
N ARG C 48 -36.20 -9.45 -4.98
CA ARG C 48 -35.28 -8.46 -4.35
C ARG C 48 -34.43 -7.78 -5.41
N GLY C 49 -33.78 -6.69 -5.02
CA GLY C 49 -32.79 -6.09 -5.87
C GLY C 49 -33.31 -4.76 -6.31
N TYR C 50 -33.62 -4.66 -7.60
CA TYR C 50 -34.08 -3.41 -8.17
C TYR C 50 -33.08 -2.28 -7.94
N HIS C 51 -31.84 -2.54 -8.29
CA HIS C 51 -30.88 -1.47 -8.32
C HIS C 51 -29.81 -1.70 -9.38
N SER C 52 -29.05 -0.64 -9.64
CA SER C 52 -27.81 -0.69 -10.33
C SER C 52 -26.81 0.09 -9.51
N HIS C 53 -25.54 0.07 -9.93
CA HIS C 53 -24.46 0.76 -9.26
C HIS C 53 -23.64 1.55 -10.25
N LYS C 54 -23.20 2.72 -9.81
CA LYS C 54 -22.30 3.54 -10.59
C LYS C 54 -20.85 3.10 -10.49
N LYS C 55 -20.44 2.49 -9.37
CA LYS C 55 -18.97 2.24 -9.10
C LYS C 55 -18.60 0.78 -8.77
N LEU C 56 -19.43 0.19 -7.93
CA LEU C 56 -19.25 -1.14 -7.45
C LEU C 56 -19.15 -2.20 -8.54
N HIS C 57 -18.17 -3.08 -8.35
CA HIS C 57 -18.10 -4.41 -8.97
C HIS C 57 -18.53 -5.49 -7.94
N GLN C 58 -19.23 -6.51 -8.42
CA GLN C 58 -19.85 -7.53 -7.56
C GLN C 58 -19.78 -8.84 -8.29
N VAL C 59 -19.74 -9.94 -7.55
CA VAL C 59 -19.89 -11.30 -8.10
C VAL C 59 -20.91 -11.99 -7.22
N LEU C 60 -21.98 -12.46 -7.83
CA LEU C 60 -23.08 -13.15 -7.13
C LEU C 60 -22.92 -14.64 -7.24
N ILE C 61 -23.14 -15.35 -6.14
CA ILE C 61 -22.94 -16.79 -6.15
C ILE C 61 -24.01 -17.45 -5.32
N CYS C 62 -24.62 -18.51 -5.83
CA CYS C 62 -25.66 -19.26 -5.10
C CYS C 62 -25.05 -20.54 -4.52
N LEU C 63 -24.91 -20.62 -3.21
CA LEU C 63 -24.19 -21.70 -2.57
C LEU C 63 -25.05 -22.90 -2.14
N ASN C 64 -26.37 -22.83 -2.36
CA ASN C 64 -27.34 -23.89 -2.01
C ASN C 64 -28.69 -23.49 -2.66
N GLY C 65 -29.44 -24.45 -3.18
CA GLY C 65 -30.64 -24.17 -3.93
C GLY C 65 -30.44 -23.44 -5.24
N SER C 66 -31.32 -22.50 -5.48
CA SER C 66 -31.41 -21.87 -6.75
C SER C 66 -31.99 -20.48 -6.57
N VAL C 67 -31.51 -19.57 -7.41
CA VAL C 67 -32.08 -18.24 -7.48
C VAL C 67 -31.90 -17.77 -8.92
N LYS C 68 -32.89 -16.99 -9.38
CA LYS C 68 -32.86 -16.37 -10.69
C LYS C 68 -32.48 -14.91 -10.60
N ILE C 69 -31.59 -14.50 -11.47
CA ILE C 69 -31.20 -13.12 -11.54
C ILE C 69 -31.67 -12.49 -12.88
N ARG C 70 -32.49 -11.43 -12.83
CA ARG C 70 -32.91 -10.74 -14.02
C ARG C 70 -32.00 -9.53 -14.22
N LEU C 71 -31.32 -9.47 -15.38
CA LEU C 71 -30.39 -8.40 -15.71
C LEU C 71 -31.05 -7.49 -16.76
N LYS C 72 -31.00 -6.18 -16.58
CA LYS C 72 -31.53 -5.25 -17.53
C LYS C 72 -30.52 -4.12 -17.88
N ILE C 73 -30.48 -3.82 -19.19
CA ILE C 73 -29.83 -2.67 -19.74
C ILE C 73 -30.82 -2.12 -20.79
N PRO C 74 -30.58 -0.93 -21.34
CA PRO C 74 -31.51 -0.49 -22.41
C PRO C 74 -31.62 -1.52 -23.55
N ASP C 75 -32.85 -1.99 -23.80
CA ASP C 75 -33.19 -2.94 -24.90
C ASP C 75 -32.82 -4.44 -24.68
N GLU C 76 -32.28 -4.78 -23.50
CA GLU C 76 -32.03 -6.17 -23.12
C GLU C 76 -32.54 -6.45 -21.70
N GLU C 77 -33.37 -7.48 -21.57
CA GLU C 77 -33.59 -8.17 -20.31
C GLU C 77 -32.97 -9.54 -20.53
N LYS C 78 -32.32 -10.09 -19.51
CA LYS C 78 -31.81 -11.45 -19.56
C LYS C 78 -31.97 -12.11 -18.22
N ILE C 79 -32.48 -13.32 -18.23
CA ILE C 79 -32.58 -14.10 -16.99
C ILE C 79 -31.49 -15.17 -16.99
N ILE C 80 -30.85 -15.32 -15.83
CA ILE C 80 -29.72 -16.24 -15.61
C ILE C 80 -30.04 -17.01 -14.32
N GLU C 81 -30.07 -18.34 -14.36
CA GLU C 81 -30.29 -19.12 -13.13
C GLU C 81 -28.96 -19.50 -12.50
N LEU C 82 -28.85 -19.33 -11.19
CA LEU C 82 -27.67 -19.65 -10.43
C LEU C 82 -28.00 -20.77 -9.54
N ASN C 83 -27.32 -21.88 -9.79
CA ASN C 83 -27.56 -23.09 -9.05
C ASN C 83 -26.34 -23.97 -8.95
N ASP C 84 -25.17 -23.39 -8.95
CA ASP C 84 -23.92 -24.13 -8.88
C ASP C 84 -23.01 -23.24 -8.14
N PRO C 85 -22.53 -23.72 -7.00
CA PRO C 85 -21.68 -22.92 -6.13
C PRO C 85 -20.30 -22.52 -6.70
N SER C 86 -19.92 -23.19 -7.79
CA SER C 86 -18.62 -23.06 -8.40
C SER C 86 -18.73 -22.15 -9.63
N VAL C 87 -19.94 -21.60 -9.80
CA VAL C 87 -20.20 -20.61 -10.86
C VAL C 87 -20.56 -19.25 -10.24
N GLY C 88 -19.80 -18.23 -10.54
CA GLY C 88 -20.12 -16.88 -10.07
C GLY C 88 -20.60 -15.95 -11.17
N LEU C 89 -21.47 -14.99 -10.83
CA LEU C 89 -22.05 -14.05 -11.76
C LEU C 89 -21.52 -12.63 -11.52
N TYR C 90 -20.68 -12.16 -12.42
CA TYR C 90 -20.05 -10.85 -12.30
C TYR C 90 -20.95 -9.81 -12.89
N ILE C 91 -21.18 -8.76 -12.14
CA ILE C 91 -21.99 -7.60 -12.57
C ILE C 91 -21.15 -6.34 -12.38
N GLY C 92 -20.71 -5.73 -13.50
CA GLY C 92 -20.10 -4.40 -13.49
C GLY C 92 -21.10 -3.27 -13.22
N PRO C 93 -20.60 -2.06 -13.06
CA PRO C 93 -21.38 -0.85 -12.98
C PRO C 93 -22.42 -0.69 -14.10
N LEU C 94 -23.51 -0.02 -13.78
CA LEU C 94 -24.53 0.36 -14.74
C LEU C 94 -25.28 -0.79 -15.40
N VAL C 95 -25.38 -1.90 -14.68
CA VAL C 95 -26.27 -2.98 -15.02
C VAL C 95 -27.34 -3.03 -13.90
N TRP C 96 -28.61 -2.99 -14.27
CA TRP C 96 -29.74 -3.13 -13.29
C TRP C 96 -30.00 -4.60 -13.00
N HIS C 97 -30.18 -5.00 -11.74
CA HIS C 97 -30.49 -6.40 -11.47
C HIS C 97 -31.59 -6.63 -10.43
N GLU C 98 -32.21 -7.81 -10.53
CA GLU C 98 -33.31 -8.21 -9.68
C GLU C 98 -33.11 -9.68 -9.41
N MET C 99 -33.47 -10.11 -8.21
CA MET C 99 -33.31 -11.48 -7.80
C MET C 99 -34.66 -12.04 -7.44
N PHE C 100 -34.97 -13.25 -7.88
CA PHE C 100 -36.27 -13.87 -7.63
C PHE C 100 -36.19 -15.37 -7.78
N ASP C 101 -37.23 -16.05 -7.29
CA ASP C 101 -37.33 -17.50 -7.31
C ASP C 101 -36.22 -18.07 -6.46
N PHE C 102 -36.03 -17.50 -5.28
CA PHE C 102 -35.18 -18.14 -4.33
C PHE C 102 -35.91 -19.42 -3.99
N THR C 103 -35.23 -20.58 -4.00
CA THR C 103 -35.82 -21.82 -3.50
C THR C 103 -35.67 -21.97 -2.00
N GLU C 104 -36.31 -22.99 -1.49
CA GLU C 104 -36.18 -23.32 -0.08
C GLU C 104 -34.71 -23.58 0.23
N GLY C 105 -34.19 -22.91 1.24
CA GLY C 105 -32.80 -23.09 1.67
C GLY C 105 -31.74 -22.37 0.85
N CYS C 106 -32.18 -21.56 -0.12
CA CYS C 106 -31.25 -20.80 -0.99
C CYS C 106 -30.32 -19.91 -0.20
N VAL C 107 -29.04 -19.94 -0.55
CA VAL C 107 -28.07 -19.02 0.03
C VAL C 107 -27.44 -18.26 -1.13
N LEU C 108 -27.46 -16.92 -1.07
CA LEU C 108 -26.92 -16.13 -2.16
C LEU C 108 -25.83 -15.25 -1.57
N LEU C 109 -24.62 -15.43 -2.10
CA LEU C 109 -23.45 -14.73 -1.60
C LEU C 109 -23.02 -13.69 -2.61
N VAL C 110 -22.62 -12.54 -2.12
CA VAL C 110 -22.09 -11.54 -2.98
C VAL C 110 -20.76 -11.11 -2.46
N LEU C 111 -19.80 -11.06 -3.38
CA LEU C 111 -18.50 -10.51 -3.11
C LEU C 111 -18.46 -9.11 -3.76
N ALA C 112 -18.09 -8.12 -2.97
CA ALA C 112 -18.14 -6.76 -3.41
C ALA C 112 -16.77 -6.04 -3.38
N SER C 113 -16.56 -5.18 -4.39
CA SER C 113 -15.33 -4.40 -4.56
C SER C 113 -15.16 -3.19 -3.64
N GLU C 114 -16.24 -2.72 -3.03
CA GLU C 114 -16.14 -1.57 -2.15
C GLU C 114 -16.96 -1.80 -0.89
N TYR C 115 -16.70 -1.01 0.17
CA TYR C 115 -17.62 -0.99 1.31
C TYR C 115 -18.98 -0.46 0.88
N TYR C 116 -19.99 -0.71 1.73
CA TYR C 116 -21.34 -0.30 1.46
C TYR C 116 -21.40 1.23 1.37
N ASP C 117 -22.21 1.71 0.44
CA ASP C 117 -22.29 3.13 0.15
C ASP C 117 -23.57 3.38 -0.57
N GLU C 118 -24.55 3.94 0.13
CA GLU C 118 -25.86 4.17 -0.44
C GLU C 118 -25.81 5.08 -1.66
N THR C 119 -24.92 6.07 -1.66
CA THR C 119 -24.82 7.02 -2.76
C THR C 119 -24.40 6.38 -4.08
N ASP C 120 -23.99 5.10 -4.06
CA ASP C 120 -23.54 4.45 -5.31
C ASP C 120 -24.68 3.66 -5.98
N TYR C 121 -25.80 3.56 -5.28
CA TYR C 121 -26.99 2.87 -5.77
C TYR C 121 -27.78 3.77 -6.69
N ILE C 122 -28.38 3.19 -7.72
CA ILE C 122 -29.43 3.88 -8.49
C ILE C 122 -30.67 3.04 -8.32
N ARG C 123 -31.68 3.55 -7.62
CA ARG C 123 -32.89 2.77 -7.28
C ARG C 123 -34.06 3.17 -8.19
N ASN C 124 -33.94 4.32 -8.86
CA ASN C 124 -34.94 4.82 -9.84
C ASN C 124 -34.71 4.26 -11.25
N TYR C 125 -35.54 3.29 -11.64
CA TYR C 125 -35.28 2.55 -12.87
C TYR C 125 -35.11 3.43 -14.11
N ASP C 126 -36.01 4.39 -14.32
CA ASP C 126 -35.98 5.17 -15.56
C ASP C 126 -34.81 6.14 -15.51
N PHE C 127 -34.44 6.60 -14.30
CA PHE C 127 -33.16 7.32 -14.15
C PHE C 127 -32.02 6.40 -14.57
N TYR C 128 -32.05 5.13 -14.10
CA TYR C 128 -31.01 4.19 -14.51
C TYR C 128 -30.90 4.21 -16.04
N ILE C 129 -32.06 4.06 -16.69
CA ILE C 129 -32.08 3.95 -18.15
C ILE C 129 -31.47 5.17 -18.83
N ASP C 130 -31.89 6.36 -18.43
CA ASP C 130 -31.40 7.58 -19.04
C ASP C 130 -29.88 7.61 -18.93
N GLU C 131 -29.40 7.31 -17.73
CA GLU C 131 -27.98 7.30 -17.41
C GLU C 131 -27.23 6.16 -18.16
N ALA C 132 -27.86 5.00 -18.28
CA ALA C 132 -27.31 3.90 -19.09
C ALA C 132 -27.30 4.13 -20.62
N LYS C 133 -28.28 4.85 -21.16
CA LYS C 133 -28.29 5.14 -22.62
C LYS C 133 -27.10 5.98 -23.07
N LYS C 134 -26.66 6.90 -22.24
CA LYS C 134 -25.49 7.72 -22.57
C LYS C 134 -24.29 6.83 -22.92
N ARG C 135 -23.98 5.92 -22.00
CA ARG C 135 -22.90 4.91 -22.12
C ARG C 135 -23.13 3.88 -23.24
N PHE C 136 -24.31 3.23 -23.26
CA PHE C 136 -24.54 2.04 -24.12
C PHE C 136 -24.96 2.30 -25.58
N LEU C 137 -25.47 3.49 -25.92
CA LEU C 137 -25.97 3.77 -27.30
C LEU C 137 -24.99 4.62 -28.13
N GLU C 138 -24.76 4.18 -29.38
CA GLU C 138 -23.92 4.90 -30.35
C GLU C 138 -24.55 6.24 -30.76
N MET D 1 -9.08 -22.95 29.50
CA MET D 1 -9.84 -22.07 28.55
C MET D 1 -9.22 -22.06 27.16
N LEU D 2 -10.04 -21.75 26.16
CA LEU D 2 -9.62 -21.86 24.76
C LEU D 2 -9.12 -20.55 24.16
N TYR D 3 -7.83 -20.34 24.28
CA TYR D 3 -7.18 -19.16 23.74
C TYR D 3 -7.34 -19.02 22.24
N ASN D 4 -7.25 -17.79 21.77
CA ASN D 4 -7.18 -17.46 20.33
C ASN D 4 -8.43 -17.78 19.50
N VAL D 5 -9.59 -17.85 20.17
CA VAL D 5 -10.89 -18.12 19.52
C VAL D 5 -11.95 -17.16 19.99
N ALA D 6 -12.88 -16.82 19.11
CA ALA D 6 -13.91 -15.91 19.48
C ALA D 6 -15.15 -16.13 18.65
N LEU D 7 -16.32 -15.83 19.21
CA LEU D 7 -17.57 -15.76 18.43
C LEU D 7 -17.78 -14.32 18.13
N ILE D 8 -18.19 -14.06 16.90
CA ILE D 8 -18.38 -12.69 16.38
C ILE D 8 -19.82 -12.53 15.92
N LYS D 9 -20.44 -11.42 16.34
CA LYS D 9 -21.83 -11.13 15.97
C LYS D 9 -21.92 -10.15 14.81
N PHE D 10 -22.68 -10.51 13.78
CA PHE D 10 -22.88 -9.64 12.62
C PHE D 10 -24.30 -9.10 12.61
N LYS D 11 -24.51 -8.03 11.84
CA LYS D 11 -25.85 -7.54 11.54
C LYS D 11 -26.65 -8.64 10.89
N ASP D 12 -27.90 -8.76 11.32
CA ASP D 12 -28.89 -9.57 10.65
C ASP D 12 -30.03 -8.61 10.33
N ILE D 13 -30.23 -8.41 9.03
CA ILE D 13 -31.14 -7.41 8.51
C ILE D 13 -32.26 -8.11 7.81
N ALA D 14 -33.34 -8.30 8.56
CA ALA D 14 -34.43 -9.19 8.25
C ALA D 14 -35.74 -8.43 8.14
N ASP D 15 -36.55 -8.79 7.15
CA ASP D 15 -37.87 -8.23 7.02
C ASP D 15 -38.62 -9.18 6.14
N LYS D 16 -39.73 -8.69 5.58
CA LYS D 16 -40.58 -9.51 4.72
C LYS D 16 -39.88 -10.01 3.45
N ARG D 17 -38.80 -9.37 3.03
CA ARG D 17 -38.13 -9.90 1.86
C ARG D 17 -36.86 -10.76 2.17
N GLY D 18 -36.65 -11.04 3.46
CA GLY D 18 -35.75 -12.08 3.90
C GLY D 18 -34.65 -11.54 4.78
N HIS D 19 -33.53 -12.27 4.84
CA HIS D 19 -32.41 -11.87 5.71
C HIS D 19 -31.18 -11.49 4.96
N LEU D 20 -30.46 -10.53 5.54
CA LEU D 20 -29.24 -10.08 4.95
C LEU D 20 -28.16 -9.84 6.01
N THR D 21 -26.99 -10.44 5.80
CA THR D 21 -25.84 -10.11 6.62
C THR D 21 -24.65 -9.63 5.79
N PRO D 22 -24.17 -8.39 6.06
CA PRO D 22 -23.01 -7.77 5.44
C PRO D 22 -21.80 -7.92 6.33
N ILE D 23 -20.62 -8.17 5.74
CA ILE D 23 -19.41 -8.18 6.52
C ILE D 23 -18.40 -7.34 5.78
N GLU D 24 -17.98 -6.23 6.37
CA GLU D 24 -16.96 -5.39 5.78
C GLU D 24 -15.63 -5.72 6.40
N GLY D 25 -14.61 -5.96 5.57
CA GLY D 25 -13.24 -6.14 6.04
C GLY D 25 -12.70 -5.05 6.97
N LYS D 26 -12.02 -5.49 8.04
CA LYS D 26 -11.49 -4.66 9.11
C LYS D 26 -12.48 -4.05 10.07
N ILE D 27 -13.76 -4.04 9.74
CA ILE D 27 -14.77 -3.40 10.57
C ILE D 27 -15.56 -4.46 11.26
N ASP D 28 -16.20 -5.34 10.50
CA ASP D 28 -16.98 -6.44 11.10
C ASP D 28 -16.14 -7.65 11.51
N ILE D 29 -14.88 -7.66 11.11
CA ILE D 29 -13.94 -8.70 11.50
C ILE D 29 -12.63 -7.97 11.68
N PRO D 30 -11.67 -8.59 12.37
CA PRO D 30 -10.41 -7.85 12.57
C PRO D 30 -9.48 -7.70 11.33
N PHE D 31 -9.70 -8.44 10.26
CA PHE D 31 -8.76 -8.42 9.12
C PHE D 31 -9.40 -8.11 7.76
N ASP D 32 -8.55 -7.77 6.79
CA ASP D 32 -8.99 -7.66 5.38
C ASP D 32 -9.18 -9.03 4.81
N ILE D 33 -10.11 -9.17 3.88
CA ILE D 33 -10.46 -10.47 3.34
C ILE D 33 -9.62 -10.62 2.08
N LYS D 34 -8.61 -11.47 2.06
CA LYS D 34 -7.89 -11.73 0.82
C LYS D 34 -8.47 -12.94 0.12
N ARG D 35 -9.25 -13.73 0.83
CA ARG D 35 -9.71 -15.00 0.31
C ARG D 35 -10.92 -15.49 1.08
N VAL D 36 -11.92 -16.01 0.33
CA VAL D 36 -13.02 -16.80 0.87
C VAL D 36 -13.04 -18.18 0.31
N TYR D 37 -13.46 -19.18 1.11
CA TYR D 37 -13.79 -20.46 0.59
C TYR D 37 -15.04 -20.99 1.25
N TYR D 38 -15.69 -21.95 0.60
CA TYR D 38 -16.92 -22.49 1.12
C TYR D 38 -17.06 -23.96 0.75
N ILE D 39 -17.67 -24.66 1.72
CA ILE D 39 -17.84 -26.07 1.64
C ILE D 39 -19.33 -26.42 1.68
N THR D 40 -19.72 -27.41 0.87
CA THR D 40 -21.08 -27.79 0.59
C THR D 40 -21.14 -29.29 0.26
N LYS D 41 -22.32 -29.93 0.44
CA LYS D 41 -22.54 -31.30 -0.05
C LYS D 41 -21.63 -32.30 0.65
N VAL D 42 -21.48 -32.14 1.95
CA VAL D 42 -20.70 -33.00 2.77
C VAL D 42 -21.64 -34.08 3.30
N ASP D 43 -21.28 -35.36 3.13
CA ASP D 43 -22.12 -36.44 3.73
C ASP D 43 -22.03 -36.42 5.24
N LYS D 44 -22.99 -37.10 5.87
CA LYS D 44 -23.21 -36.97 7.31
C LYS D 44 -22.11 -37.63 8.11
N ASP D 45 -21.42 -38.62 7.53
CA ASP D 45 -20.34 -39.36 8.24
C ASP D 45 -18.94 -38.72 8.16
N ILE D 46 -18.84 -37.62 7.41
CA ILE D 46 -17.57 -36.99 7.09
C ILE D 46 -17.14 -35.99 8.17
N THR D 47 -15.87 -36.11 8.56
CA THR D 47 -15.16 -35.10 9.35
C THR D 47 -14.05 -34.50 8.48
N ARG D 48 -14.04 -33.17 8.38
CA ARG D 48 -13.13 -32.42 7.51
C ARG D 48 -12.23 -31.53 8.34
N GLY D 49 -11.29 -30.88 7.68
CA GLY D 49 -10.42 -29.96 8.37
C GLY D 49 -9.14 -30.68 8.74
N TYR D 50 -8.89 -30.76 10.05
CA TYR D 50 -7.69 -31.45 10.60
C TYR D 50 -6.45 -30.61 10.22
N HIS D 51 -6.31 -29.43 10.82
CA HIS D 51 -5.19 -28.56 10.59
C HIS D 51 -5.21 -27.32 11.42
N SER D 52 -4.07 -26.64 11.38
CA SER D 52 -3.86 -25.41 12.05
C SER D 52 -2.98 -24.57 11.16
N HIS D 53 -2.83 -23.30 11.51
CA HIS D 53 -2.04 -22.35 10.74
C HIS D 53 -1.06 -21.66 11.63
N LYS D 54 0.05 -21.18 11.09
CA LYS D 54 0.97 -20.38 11.89
C LYS D 54 0.67 -18.92 11.78
N LYS D 55 0.19 -18.49 10.62
CA LYS D 55 -0.04 -17.07 10.42
C LYS D 55 -1.46 -16.68 10.06
N LEU D 56 -2.25 -17.61 9.57
CA LEU D 56 -3.53 -17.26 8.99
C LEU D 56 -4.52 -16.91 10.08
N HIS D 57 -5.33 -15.88 9.83
CA HIS D 57 -6.56 -15.64 10.60
C HIS D 57 -7.78 -15.96 9.75
N GLN D 58 -8.78 -16.61 10.36
CA GLN D 58 -9.98 -17.12 9.67
C GLN D 58 -11.22 -16.81 10.45
N VAL D 59 -12.37 -16.73 9.78
CA VAL D 59 -13.69 -16.67 10.43
C VAL D 59 -14.53 -17.69 9.72
N LEU D 60 -15.09 -18.63 10.49
CA LEU D 60 -15.95 -19.66 9.91
C LEU D 60 -17.37 -19.25 10.17
N ILE D 61 -18.25 -19.40 9.18
CA ILE D 61 -19.64 -19.06 9.31
C ILE D 61 -20.52 -20.06 8.62
N CYS D 62 -21.59 -20.47 9.30
CA CYS D 62 -22.56 -21.44 8.72
C CYS D 62 -23.76 -20.69 8.21
N LEU D 63 -24.03 -20.81 6.91
CA LEU D 63 -25.05 -20.01 6.23
C LEU D 63 -26.38 -20.74 6.10
N ASN D 64 -26.35 -22.06 6.21
CA ASN D 64 -27.52 -22.92 6.15
C ASN D 64 -27.19 -24.12 7.00
N GLY D 65 -28.23 -24.76 7.56
CA GLY D 65 -28.07 -26.05 8.25
C GLY D 65 -27.16 -25.87 9.44
N SER D 66 -26.38 -26.89 9.76
CA SER D 66 -25.62 -26.89 10.99
C SER D 66 -24.36 -27.69 10.80
N VAL D 67 -23.37 -27.40 11.62
CA VAL D 67 -22.08 -28.01 11.51
C VAL D 67 -21.42 -27.78 12.83
N LYS D 68 -20.68 -28.77 13.31
CA LYS D 68 -19.93 -28.62 14.55
C LYS D 68 -18.45 -28.51 14.23
N ILE D 69 -17.76 -27.72 15.04
CA ILE D 69 -16.36 -27.39 14.89
C ILE D 69 -15.66 -27.83 16.16
N ARG D 70 -14.70 -28.74 16.01
CA ARG D 70 -13.97 -29.21 17.17
C ARG D 70 -12.72 -28.38 17.24
N LEU D 71 -12.50 -27.71 18.35
CA LEU D 71 -11.33 -26.84 18.52
C LEU D 71 -10.39 -27.48 19.55
N LYS D 72 -9.13 -27.57 19.17
CA LYS D 72 -8.11 -28.14 20.07
C LYS D 72 -6.88 -27.28 20.17
N ILE D 73 -6.47 -27.08 21.41
CA ILE D 73 -5.11 -26.72 21.74
C ILE D 73 -4.68 -27.75 22.79
N PRO D 74 -3.39 -27.80 23.15
CA PRO D 74 -2.92 -28.82 24.08
C PRO D 74 -3.77 -28.95 25.34
N ASP D 75 -4.32 -30.16 25.54
CA ASP D 75 -5.05 -30.50 26.78
C ASP D 75 -6.38 -29.76 26.93
N GLU D 76 -6.92 -29.27 25.83
CA GLU D 76 -8.25 -28.69 25.85
C GLU D 76 -8.94 -29.00 24.52
N GLU D 77 -10.24 -29.22 24.62
CA GLU D 77 -11.07 -29.49 23.46
C GLU D 77 -12.41 -28.87 23.74
N LYS D 78 -12.90 -28.05 22.83
CA LYS D 78 -14.26 -27.58 22.91
C LYS D 78 -14.91 -27.80 21.56
N ILE D 79 -16.19 -28.10 21.57
CA ILE D 79 -16.95 -28.19 20.35
C ILE D 79 -17.86 -26.99 20.29
N ILE D 80 -17.86 -26.27 19.15
CA ILE D 80 -18.80 -25.16 18.91
C ILE D 80 -19.74 -25.49 17.75
N GLU D 81 -21.05 -25.45 17.97
CA GLU D 81 -21.97 -25.71 16.90
C GLU D 81 -22.39 -24.42 16.24
N LEU D 82 -22.29 -24.36 14.92
CA LEU D 82 -22.64 -23.16 14.21
C LEU D 82 -23.90 -23.42 13.43
N ASN D 83 -24.90 -22.56 13.61
CA ASN D 83 -26.20 -22.70 12.94
C ASN D 83 -26.91 -21.35 12.72
N ASP D 84 -26.19 -20.26 12.95
CA ASP D 84 -26.74 -18.92 12.87
C ASP D 84 -25.85 -18.20 11.85
N PRO D 85 -26.42 -17.91 10.67
CA PRO D 85 -25.64 -17.16 9.70
C PRO D 85 -25.07 -15.80 10.17
N SER D 86 -25.55 -15.23 11.28
CA SER D 86 -25.12 -13.88 11.70
C SER D 86 -24.05 -13.95 12.78
N VAL D 87 -23.59 -15.16 13.03
CA VAL D 87 -22.57 -15.42 14.03
C VAL D 87 -21.36 -16.01 13.32
N GLY D 88 -20.21 -15.39 13.55
CA GLY D 88 -18.95 -15.89 13.01
C GLY D 88 -18.06 -16.50 14.08
N LEU D 89 -17.35 -17.55 13.74
CA LEU D 89 -16.34 -18.10 14.62
C LEU D 89 -14.89 -17.72 14.24
N TYR D 90 -14.29 -16.84 14.99
CA TYR D 90 -12.93 -16.45 14.68
C TYR D 90 -11.95 -17.46 15.28
N ILE D 91 -11.08 -17.98 14.45
CA ILE D 91 -10.04 -18.88 14.91
C ILE D 91 -8.69 -18.31 14.50
N GLY D 92 -7.91 -17.99 15.51
CA GLY D 92 -6.55 -17.52 15.30
C GLY D 92 -5.53 -18.60 15.03
N PRO D 93 -4.25 -18.20 15.03
CA PRO D 93 -3.23 -19.13 14.75
C PRO D 93 -2.99 -20.06 15.90
N LEU D 94 -2.38 -21.18 15.55
CA LEU D 94 -2.05 -22.25 16.46
C LEU D 94 -3.22 -22.83 17.23
N VAL D 95 -4.40 -22.82 16.61
CA VAL D 95 -5.53 -23.58 17.12
C VAL D 95 -5.74 -24.63 16.09
N TRP D 96 -5.82 -25.91 16.47
CA TRP D 96 -6.20 -27.01 15.53
C TRP D 96 -7.69 -27.10 15.46
N HIS D 97 -8.28 -27.33 14.29
CA HIS D 97 -9.72 -27.52 14.23
C HIS D 97 -10.16 -28.55 13.21
N GLU D 98 -11.30 -29.16 13.50
CA GLU D 98 -11.90 -30.19 12.64
C GLU D 98 -13.34 -29.85 12.59
N MET D 99 -13.99 -30.30 11.52
CA MET D 99 -15.41 -30.01 11.32
C MET D 99 -16.18 -31.26 10.96
N PHE D 100 -17.37 -31.41 11.56
CA PHE D 100 -18.18 -32.61 11.40
C PHE D 100 -19.68 -32.33 11.69
N ASP D 101 -20.52 -33.32 11.32
CA ASP D 101 -21.93 -33.26 11.51
C ASP D 101 -22.44 -32.16 10.67
N PHE D 102 -22.00 -32.18 9.44
CA PHE D 102 -22.56 -31.35 8.44
C PHE D 102 -23.94 -31.90 8.27
N THR D 103 -24.94 -31.11 8.59
CA THR D 103 -26.30 -31.47 8.25
C THR D 103 -26.45 -31.17 6.82
N GLU D 104 -27.62 -31.42 6.29
CA GLU D 104 -27.83 -31.12 4.90
C GLU D 104 -28.77 -29.91 4.72
N GLY D 105 -28.73 -29.31 3.53
CA GLY D 105 -27.51 -29.11 2.75
C GLY D 105 -26.79 -27.90 3.40
N CYS D 106 -25.81 -28.21 4.24
CA CYS D 106 -25.01 -27.21 4.95
C CYS D 106 -24.17 -26.37 4.01
N VAL D 107 -23.86 -25.17 4.47
CA VAL D 107 -22.95 -24.31 3.77
C VAL D 107 -22.09 -23.69 4.82
N LEU D 108 -20.80 -24.02 4.75
CA LEU D 108 -19.82 -23.47 5.62
C LEU D 108 -18.97 -22.53 4.79
N LEU D 109 -18.86 -21.29 5.27
CA LEU D 109 -18.19 -20.23 4.56
C LEU D 109 -17.05 -19.85 5.42
N VAL D 110 -15.87 -19.71 4.80
CA VAL D 110 -14.70 -19.25 5.55
C VAL D 110 -14.12 -17.93 4.95
N LEU D 111 -13.90 -16.97 5.84
CA LEU D 111 -13.20 -15.83 5.46
C LEU D 111 -11.77 -15.88 6.01
N ALA D 112 -10.80 -15.64 5.11
CA ALA D 112 -9.37 -15.78 5.38
C ALA D 112 -8.57 -14.52 5.06
N SER D 113 -7.61 -14.21 5.95
CA SER D 113 -6.81 -13.00 5.92
C SER D 113 -5.61 -13.06 4.96
N GLU D 114 -5.43 -14.18 4.24
CA GLU D 114 -4.26 -14.39 3.39
C GLU D 114 -4.66 -15.33 2.26
N TYR D 115 -3.91 -15.29 1.16
CA TYR D 115 -4.11 -16.24 0.07
C TYR D 115 -3.72 -17.61 0.54
N TYR D 116 -4.19 -18.64 -0.18
CA TYR D 116 -3.84 -20.03 0.14
C TYR D 116 -2.32 -20.25 0.12
N ASP D 117 -1.74 -20.62 1.24
CA ASP D 117 -0.30 -20.92 1.33
C ASP D 117 -0.10 -22.20 2.15
N GLU D 118 0.32 -23.24 1.43
CA GLU D 118 0.45 -24.56 1.99
C GLU D 118 1.56 -24.60 3.03
N THR D 119 2.61 -23.80 2.87
CA THR D 119 3.66 -23.78 3.87
C THR D 119 3.16 -23.31 5.22
N ASP D 120 2.06 -22.54 5.26
CA ASP D 120 1.48 -22.05 6.52
C ASP D 120 0.56 -23.06 7.18
N TYR D 121 0.11 -24.11 6.49
CA TYR D 121 -0.66 -25.18 7.15
C TYR D 121 0.19 -26.06 8.01
N ILE D 122 -0.35 -26.47 9.16
CA ILE D 122 0.17 -27.61 9.88
C ILE D 122 -0.90 -28.70 9.72
N ARG D 123 -0.54 -29.80 9.05
CA ARG D 123 -1.43 -30.95 8.84
C ARG D 123 -1.07 -32.17 9.62
N ASN D 124 0.01 -32.15 10.37
CA ASN D 124 0.43 -33.34 11.12
C ASN D 124 0.13 -33.08 12.58
N TYR D 125 -0.76 -33.85 13.17
CA TYR D 125 -1.14 -33.53 14.53
C TYR D 125 0.05 -33.47 15.49
N ASP D 126 0.96 -34.43 15.41
CA ASP D 126 2.09 -34.41 16.34
C ASP D 126 2.99 -33.20 16.14
N PHE D 127 3.22 -32.76 14.91
CA PHE D 127 4.00 -31.53 14.75
CA PHE D 127 4.00 -31.54 14.69
C PHE D 127 3.24 -30.34 15.33
N TYR D 128 1.91 -30.31 15.18
CA TYR D 128 1.11 -29.25 15.77
C TYR D 128 1.32 -29.30 17.29
N ILE D 129 1.17 -30.45 17.89
CA ILE D 129 1.34 -30.54 19.34
C ILE D 129 2.72 -30.07 19.77
N ASP D 130 3.75 -30.35 18.99
CA ASP D 130 5.08 -29.79 19.29
C ASP D 130 5.09 -28.26 19.30
N GLU D 131 4.63 -27.63 18.21
CA GLU D 131 4.57 -26.13 18.14
C GLU D 131 3.67 -25.51 19.21
N ALA D 132 2.49 -26.08 19.42
CA ALA D 132 1.49 -25.52 20.33
C ALA D 132 1.89 -25.56 21.80
N LYS D 133 2.58 -26.61 22.22
CA LYS D 133 3.12 -26.72 23.59
C LYS D 133 4.11 -25.59 24.00
N LYS D 134 4.84 -25.04 23.05
CA LYS D 134 5.73 -23.91 23.31
C LYS D 134 4.90 -22.71 23.70
N ARG D 135 3.98 -22.35 22.81
CA ARG D 135 3.04 -21.30 23.07
C ARG D 135 2.21 -21.45 24.36
N PHE D 136 1.62 -22.61 24.65
CA PHE D 136 0.49 -22.67 25.63
C PHE D 136 0.77 -23.16 27.06
N LEU D 137 2.00 -23.57 27.40
CA LEU D 137 2.29 -23.95 28.81
C LEU D 137 2.75 -22.77 29.68
N LEU E 2 27.45 10.63 21.11
CA LEU E 2 26.66 9.36 20.86
C LEU E 2 25.62 9.54 19.77
N TYR E 3 26.02 9.24 18.54
CA TYR E 3 25.13 9.29 17.39
C TYR E 3 24.02 8.24 17.42
N ASN E 4 22.98 8.48 16.62
CA ASN E 4 21.92 7.52 16.34
C ASN E 4 21.02 7.20 17.55
N VAL E 5 21.01 8.06 18.56
CA VAL E 5 20.13 7.87 19.70
C VAL E 5 19.40 9.17 20.01
N ALA E 6 18.26 9.08 20.67
CA ALA E 6 17.47 10.23 21.05
C ALA E 6 16.58 9.86 22.21
N LEU E 7 16.25 10.84 23.06
CA LEU E 7 15.24 10.66 24.06
C LEU E 7 14.05 11.35 23.46
N ILE E 8 12.92 10.65 23.43
CA ILE E 8 11.68 11.16 22.90
C ILE E 8 10.76 11.29 24.09
N LYS E 9 10.01 12.38 24.14
CA LYS E 9 9.08 12.65 25.23
C LYS E 9 7.69 12.46 24.69
N PHE E 10 6.86 11.72 25.41
CA PHE E 10 5.50 11.50 24.99
C PHE E 10 4.52 12.35 25.84
N LYS E 11 3.29 12.50 25.37
CA LYS E 11 2.20 12.96 26.24
C LYS E 11 2.06 12.10 27.50
N ASP E 12 1.58 12.74 28.57
CA ASP E 12 1.17 12.04 29.78
C ASP E 12 -0.13 12.74 30.20
N ILE E 13 -1.25 12.04 30.06
CA ILE E 13 -2.51 12.53 30.56
C ILE E 13 -2.66 12.03 32.00
N ALA E 14 -2.45 12.96 32.93
CA ALA E 14 -2.25 12.67 34.32
C ALA E 14 -3.31 13.42 35.12
N ASP E 15 -4.33 12.71 35.59
CA ASP E 15 -5.40 13.36 36.38
C ASP E 15 -5.67 12.54 37.65
N LYS E 16 -6.84 12.68 38.25
CA LYS E 16 -7.15 11.94 39.47
C LYS E 16 -7.25 10.43 39.21
N ARG E 17 -7.45 10.05 37.95
CA ARG E 17 -7.64 8.62 37.62
C ARG E 17 -6.34 7.92 37.22
N GLY E 18 -5.26 8.68 37.12
CA GLY E 18 -3.95 8.12 36.88
C GLY E 18 -3.30 8.70 35.64
N HIS E 19 -2.34 7.94 35.10
CA HIS E 19 -1.54 8.36 33.96
C HIS E 19 -1.87 7.54 32.73
N LEU E 20 -1.89 8.19 31.58
CA LEU E 20 -2.04 7.52 30.30
C LEU E 20 -1.07 8.12 29.31
N THR E 21 -0.25 7.30 28.67
CA THR E 21 0.62 7.82 27.61
C THR E 21 0.34 7.08 26.30
N PRO E 22 -0.02 7.82 25.23
CA PRO E 22 -0.22 7.24 23.89
C PRO E 22 0.97 7.36 22.95
N ILE E 23 1.21 6.34 22.14
CA ILE E 23 2.24 6.44 21.15
C ILE E 23 1.61 5.96 19.84
N GLU E 24 1.63 6.85 18.84
CA GLU E 24 1.04 6.56 17.52
C GLU E 24 2.12 6.45 16.50
N GLY E 25 2.16 5.34 15.78
CA GLY E 25 3.21 5.07 14.79
C GLY E 25 3.35 6.14 13.73
N LYS E 26 4.60 6.48 13.40
CA LYS E 26 4.94 7.60 12.47
C LYS E 26 4.66 8.99 12.99
N ILE E 27 3.99 9.14 14.12
CA ILE E 27 3.67 10.45 14.65
C ILE E 27 4.51 10.70 15.93
N ASP E 28 4.16 10.08 17.06
CA ASP E 28 4.93 10.25 18.28
C ASP E 28 6.32 9.60 18.22
N ILE E 29 6.48 8.58 17.38
CA ILE E 29 7.77 8.06 16.97
C ILE E 29 7.87 8.13 15.42
N PRO E 30 9.10 8.09 14.89
CA PRO E 30 9.25 8.33 13.45
C PRO E 30 8.93 7.12 12.54
N PHE E 31 8.84 5.92 13.13
CA PHE E 31 8.56 4.71 12.36
C PHE E 31 7.21 4.10 12.74
N ASP E 32 6.72 3.22 11.87
CA ASP E 32 5.56 2.34 12.13
C ASP E 32 5.90 1.13 12.98
N ILE E 33 4.98 0.74 13.85
CA ILE E 33 5.18 -0.31 14.84
C ILE E 33 4.75 -1.59 14.15
N LYS E 34 5.69 -2.45 13.80
CA LYS E 34 5.35 -3.78 13.29
C LYS E 34 5.39 -4.77 14.42
N ARG E 35 6.10 -4.41 15.47
CA ARG E 35 6.34 -5.32 16.54
C ARG E 35 6.51 -4.60 17.88
N VAL E 36 5.99 -5.18 18.93
CA VAL E 36 6.31 -4.74 20.27
C VAL E 36 6.80 -5.97 21.00
N TYR E 37 7.68 -5.75 21.98
CA TYR E 37 7.95 -6.74 23.02
C TYR E 37 8.21 -6.07 24.40
N TYR E 38 8.19 -6.90 25.45
CA TYR E 38 8.35 -6.41 26.81
C TYR E 38 9.03 -7.45 27.71
N ILE E 39 9.99 -6.96 28.45
CA ILE E 39 10.75 -7.75 29.38
C ILE E 39 10.22 -7.49 30.78
N THR E 40 10.21 -8.55 31.59
CA THR E 40 9.71 -8.49 32.97
C THR E 40 10.44 -9.49 33.90
N LYS E 41 10.42 -9.19 35.21
CA LYS E 41 10.75 -10.15 36.26
C LYS E 41 12.20 -10.55 36.22
N VAL E 42 13.02 -9.51 36.09
CA VAL E 42 14.45 -9.65 35.97
C VAL E 42 15.04 -9.56 37.37
N ASP E 43 15.84 -10.57 37.76
CA ASP E 43 16.56 -10.57 39.05
C ASP E 43 17.62 -9.47 39.07
N LYS E 44 17.87 -8.98 40.28
CA LYS E 44 18.60 -7.74 40.55
C LYS E 44 19.94 -7.57 39.82
N ASP E 45 20.60 -8.68 39.52
CA ASP E 45 22.00 -8.63 39.15
C ASP E 45 22.26 -8.96 37.70
N ILE E 46 21.19 -9.03 36.94
CA ILE E 46 21.24 -9.48 35.57
C ILE E 46 21.52 -8.32 34.62
N THR E 47 22.37 -8.61 33.63
CA THR E 47 22.54 -7.78 32.47
C THR E 47 21.97 -8.54 31.23
N ARG E 48 21.10 -7.83 30.52
CA ARG E 48 20.47 -8.28 29.26
C ARG E 48 20.96 -7.42 28.09
N GLY E 49 20.66 -7.86 26.86
CA GLY E 49 20.97 -7.11 25.65
C GLY E 49 22.16 -7.71 24.96
N TYR E 50 23.30 -7.03 25.08
CA TYR E 50 24.55 -7.43 24.39
C TYR E 50 24.32 -7.62 22.90
N HIS E 51 23.75 -6.64 22.22
CA HIS E 51 23.58 -6.74 20.77
C HIS E 51 23.38 -5.42 20.05
N SER E 52 23.53 -5.45 18.72
CA SER E 52 23.20 -4.33 17.86
C SER E 52 22.34 -4.83 16.70
N HIS E 53 21.80 -3.90 15.93
CA HIS E 53 21.08 -4.24 14.72
C HIS E 53 21.62 -3.44 13.56
N LYS E 54 21.40 -3.94 12.36
CA LYS E 54 21.82 -3.25 11.15
C LYS E 54 20.70 -2.44 10.55
N LYS E 55 19.47 -2.90 10.68
CA LYS E 55 18.36 -2.22 9.97
C LYS E 55 17.30 -1.71 10.93
N LEU E 56 17.06 -2.46 12.01
CA LEU E 56 16.01 -2.17 12.99
C LEU E 56 16.10 -0.80 13.65
N HIS E 57 14.96 -0.16 13.81
CA HIS E 57 14.83 0.98 14.67
C HIS E 57 13.93 0.54 15.80
N GLN E 58 14.29 0.96 17.01
CA GLN E 58 13.46 0.66 18.18
C GLN E 58 13.40 1.79 19.18
N VAL E 59 12.46 1.65 20.11
CA VAL E 59 12.25 2.67 21.17
C VAL E 59 12.01 1.90 22.44
N LEU E 60 12.94 2.10 23.37
CA LEU E 60 12.89 1.47 24.67
C LEU E 60 12.22 2.41 25.58
N ILE E 61 11.33 1.88 26.42
CA ILE E 61 10.58 2.65 27.40
C ILE E 61 10.34 1.82 28.67
N CYS E 62 10.61 2.42 29.82
CA CYS E 62 10.37 1.76 31.09
C CYS E 62 9.03 2.29 31.53
N LEU E 63 8.10 1.38 31.78
CA LEU E 63 6.73 1.71 32.14
C LEU E 63 6.52 1.60 33.64
N ASN E 64 7.50 0.98 34.29
CA ASN E 64 7.44 0.85 35.72
C ASN E 64 8.83 0.71 36.28
N GLY E 65 9.03 1.37 37.41
CA GLY E 65 10.27 1.31 38.10
C GLY E 65 11.41 1.88 37.28
N SER E 66 12.54 1.21 37.32
CA SER E 66 13.69 1.80 36.75
C SER E 66 14.51 0.69 36.13
N VAL E 67 15.29 1.10 35.12
CA VAL E 67 16.25 0.26 34.42
C VAL E 67 17.28 1.15 33.71
N LYS E 68 18.51 0.68 33.67
CA LYS E 68 19.58 1.47 33.05
C LYS E 68 19.93 0.85 31.71
N ILE E 69 20.29 1.69 30.74
CA ILE E 69 20.70 1.21 29.44
C ILE E 69 22.11 1.64 29.15
N ARG E 70 23.01 0.68 28.93
CA ARG E 70 24.38 0.99 28.51
C ARG E 70 24.46 1.05 27.00
N LEU E 71 24.78 2.20 26.45
CA LEU E 71 24.88 2.34 24.98
C LEU E 71 26.34 2.36 24.62
N LYS E 72 26.75 1.51 23.69
CA LYS E 72 28.13 1.57 23.20
C LYS E 72 28.17 1.93 21.72
N ILE E 73 29.20 2.68 21.36
CA ILE E 73 29.80 2.64 20.04
C ILE E 73 31.29 2.52 20.34
N PRO E 74 32.14 2.37 19.30
CA PRO E 74 33.55 2.23 19.66
C PRO E 74 34.11 3.54 20.23
N ASP E 75 34.78 3.43 21.39
CA ASP E 75 35.37 4.56 22.11
C ASP E 75 34.35 5.54 22.66
N GLU E 76 33.10 5.12 22.81
CA GLU E 76 32.14 5.81 23.67
C GLU E 76 31.29 4.78 24.44
N GLU E 77 30.84 5.18 25.61
CA GLU E 77 29.92 4.40 26.43
C GLU E 77 29.11 5.41 27.23
N LYS E 78 27.84 5.57 26.91
CA LYS E 78 26.95 6.48 27.65
C LYS E 78 25.97 5.56 28.36
N ILE E 79 25.56 5.92 29.57
CA ILE E 79 24.59 5.14 30.32
C ILE E 79 23.38 6.04 30.42
N ILE E 80 22.18 5.47 30.41
CA ILE E 80 20.95 6.23 30.58
C ILE E 80 19.98 5.49 31.45
N GLU E 81 19.37 6.19 32.40
CA GLU E 81 18.36 5.59 33.26
C GLU E 81 16.96 5.84 32.69
N LEU E 82 16.12 4.81 32.76
CA LEU E 82 14.74 4.93 32.36
C LEU E 82 13.86 4.68 33.55
N ASN E 83 13.17 5.72 33.99
CA ASN E 83 12.33 5.65 35.19
C ASN E 83 11.05 6.42 35.01
N ASP E 84 10.78 6.82 33.75
CA ASP E 84 9.62 7.62 33.39
C ASP E 84 8.89 7.00 32.17
N PRO E 85 7.64 6.52 32.35
CA PRO E 85 6.84 6.02 31.23
C PRO E 85 6.64 7.02 30.11
N SER E 86 6.76 8.30 30.38
CA SER E 86 6.58 9.29 29.35
C SER E 86 7.87 9.58 28.55
N VAL E 87 8.91 8.77 28.69
CA VAL E 87 10.12 9.08 27.91
C VAL E 87 10.55 7.85 27.17
N GLY E 88 10.94 8.04 25.93
CA GLY E 88 11.30 6.93 25.09
C GLY E 88 12.73 7.10 24.68
N LEU E 89 13.47 6.00 24.67
CA LEU E 89 14.83 6.00 24.22
C LEU E 89 14.92 5.37 22.82
N TYR E 90 15.14 6.20 21.83
CA TYR E 90 15.22 5.75 20.49
C TYR E 90 16.64 5.30 20.24
N ILE E 91 16.81 4.16 19.62
CA ILE E 91 18.13 3.66 19.28
C ILE E 91 18.13 3.18 17.82
N GLY E 92 18.85 3.89 16.96
CA GLY E 92 19.00 3.49 15.58
C GLY E 92 19.92 2.29 15.41
N PRO E 93 20.14 1.89 14.15
CA PRO E 93 21.08 0.86 13.78
C PRO E 93 22.53 1.18 14.07
N LEU E 94 23.30 0.09 14.25
CA LEU E 94 24.71 0.10 14.59
C LEU E 94 25.05 0.75 15.95
N VAL E 95 24.09 0.78 16.87
CA VAL E 95 24.37 1.09 18.26
C VAL E 95 24.24 -0.19 19.08
N TRP E 96 25.27 -0.51 19.86
CA TRP E 96 25.31 -1.74 20.66
C TRP E 96 24.75 -1.38 21.99
N HIS E 97 23.93 -2.25 22.58
CA HIS E 97 23.28 -1.88 23.82
C HIS E 97 22.99 -3.02 24.78
N GLU E 98 22.91 -2.67 26.06
CA GLU E 98 22.82 -3.61 27.18
C GLU E 98 21.90 -3.00 28.20
N MET E 99 21.23 -3.82 28.97
CA MET E 99 20.31 -3.32 29.98
C MET E 99 20.55 -3.95 31.34
N PHE E 100 20.59 -3.12 32.39
CA PHE E 100 20.96 -3.58 33.73
C PHE E 100 20.35 -2.69 34.83
N ASP E 101 20.57 -3.13 36.07
CA ASP E 101 19.91 -2.58 37.27
C ASP E 101 18.39 -2.47 37.08
N PHE E 102 17.76 -3.61 36.79
CA PHE E 102 16.33 -3.69 36.62
C PHE E 102 15.74 -3.73 37.99
N THR E 103 15.08 -2.65 38.40
CA THR E 103 14.47 -2.61 39.73
C THR E 103 13.36 -3.64 39.86
N GLU E 104 12.78 -3.73 41.05
CA GLU E 104 11.79 -4.76 41.36
C GLU E 104 10.45 -4.42 40.73
N GLY E 105 9.93 -5.37 39.93
CA GLY E 105 8.69 -5.19 39.13
C GLY E 105 8.84 -4.37 37.84
N CYS E 106 10.08 -4.05 37.48
CA CYS E 106 10.38 -3.23 36.31
C CYS E 106 9.78 -3.79 35.01
N VAL E 107 9.25 -2.89 34.18
CA VAL E 107 8.65 -3.26 32.91
C VAL E 107 9.39 -2.46 31.83
N LEU E 108 10.16 -3.13 30.98
CA LEU E 108 10.73 -2.54 29.78
C LEU E 108 9.84 -2.91 28.59
N LEU E 109 9.19 -1.92 28.00
CA LEU E 109 8.56 -2.05 26.68
C LEU E 109 9.50 -1.55 25.62
N VAL E 110 9.47 -2.24 24.48
CA VAL E 110 10.18 -1.87 23.27
C VAL E 110 9.19 -1.82 22.13
N LEU E 111 9.25 -0.75 21.33
CA LEU E 111 8.56 -0.71 20.03
C LEU E 111 9.63 -0.88 18.94
N ALA E 112 9.37 -1.74 17.94
CA ALA E 112 10.30 -2.12 16.87
C ALA E 112 9.74 -1.88 15.43
N SER E 113 10.58 -1.51 14.49
CA SER E 113 10.06 -1.12 13.18
C SER E 113 9.94 -2.26 12.17
N GLU E 114 10.34 -3.46 12.58
CA GLU E 114 10.33 -4.63 11.76
C GLU E 114 10.10 -5.82 12.65
N TYR E 115 9.58 -6.88 12.06
CA TYR E 115 9.48 -8.18 12.75
C TYR E 115 10.83 -8.73 13.19
N TYR E 116 10.78 -9.69 14.11
CA TYR E 116 11.96 -10.43 14.52
C TYR E 116 12.71 -10.97 13.33
N ASP E 117 13.97 -10.60 13.24
CA ASP E 117 14.87 -11.09 12.20
C ASP E 117 16.22 -11.33 12.87
N GLU E 118 16.52 -12.60 13.10
CA GLU E 118 17.68 -13.00 13.88
C GLU E 118 18.94 -12.71 13.09
N THR E 119 18.84 -12.60 11.77
CA THR E 119 19.99 -12.19 10.91
C THR E 119 20.35 -10.68 10.97
N ASP E 120 19.39 -9.85 11.37
CA ASP E 120 19.64 -8.42 11.54
C ASP E 120 20.41 -8.11 12.86
N TYR E 121 20.44 -9.08 13.78
CA TYR E 121 21.14 -8.94 15.05
C TYR E 121 22.65 -9.09 14.86
N ILE E 122 23.44 -8.34 15.64
CA ILE E 122 24.86 -8.66 15.87
C ILE E 122 25.10 -8.88 17.36
N ARG E 123 25.47 -10.11 17.74
CA ARG E 123 25.57 -10.52 19.15
C ARG E 123 27.02 -10.66 19.64
N ASN E 124 27.98 -10.64 18.71
CA ASN E 124 29.43 -10.71 18.98
C ASN E 124 30.10 -9.31 18.91
N TYR E 125 30.56 -8.85 20.08
CA TYR E 125 31.09 -7.50 20.24
C TYR E 125 32.27 -7.21 19.31
N ASP E 126 33.21 -8.16 19.20
CA ASP E 126 34.36 -8.00 18.29
C ASP E 126 33.92 -7.70 16.85
N PHE E 127 32.96 -8.45 16.35
CA PHE E 127 32.37 -8.14 15.03
C PHE E 127 31.68 -6.77 15.05
N TYR E 128 30.91 -6.48 16.10
CA TYR E 128 30.26 -5.17 16.18
C TYR E 128 31.30 -4.06 16.01
N ILE E 129 32.41 -4.19 16.74
CA ILE E 129 33.48 -3.21 16.70
C ILE E 129 33.96 -3.01 15.26
N ASP E 130 34.10 -4.11 14.53
CA ASP E 130 34.62 -4.05 13.16
C ASP E 130 33.68 -3.37 12.18
N GLU E 131 32.36 -3.56 12.33
CA GLU E 131 31.36 -2.93 11.45
C GLU E 131 31.09 -1.47 11.84
N ALA E 132 30.95 -1.23 13.13
CA ALA E 132 30.74 0.14 13.63
C ALA E 132 31.94 1.10 13.35
N LYS E 133 33.16 0.58 13.28
CA LYS E 133 34.33 1.45 13.02
C LYS E 133 34.33 2.12 11.63
N LYS E 134 33.78 1.46 10.63
CA LYS E 134 33.72 2.04 9.29
C LYS E 134 32.59 3.08 9.13
N ARG E 135 31.72 3.20 10.15
CA ARG E 135 30.64 4.17 10.15
C ARG E 135 31.05 5.41 10.95
N PHE E 136 31.40 5.20 12.22
CA PHE E 136 31.52 6.31 13.17
C PHE E 136 32.81 7.14 13.07
N LEU E 137 33.94 6.49 12.74
CA LEU E 137 35.23 7.18 12.59
C LEU E 137 35.32 8.02 11.29
N GLU E 138 36.13 9.08 11.34
CA GLU E 138 36.18 10.11 10.30
C GLU E 138 37.50 10.09 9.54
N MET F 1 -15.04 -15.78 26.55
CA MET F 1 -16.22 -15.74 25.64
C MET F 1 -17.28 -14.66 26.07
N LEU F 2 -17.86 -14.05 25.05
CA LEU F 2 -18.91 -13.02 25.09
C LEU F 2 -18.72 -12.62 23.63
N TYR F 3 -19.73 -12.37 22.81
CA TYR F 3 -19.38 -11.99 21.42
C TYR F 3 -18.27 -10.97 21.32
N ASN F 4 -17.41 -11.13 20.31
CA ASN F 4 -16.42 -10.11 19.95
C ASN F 4 -15.30 -9.85 20.89
N VAL F 5 -14.96 -10.88 21.65
CA VAL F 5 -13.95 -10.81 22.70
C VAL F 5 -13.20 -12.14 22.71
N ALA F 6 -11.91 -12.10 22.96
CA ALA F 6 -11.10 -13.31 23.03
C ALA F 6 -9.97 -13.14 24.03
N LEU F 7 -9.49 -14.25 24.58
CA LEU F 7 -8.17 -14.25 25.22
C LEU F 7 -7.18 -14.81 24.26
N ILE F 8 -6.09 -14.10 24.10
CA ILE F 8 -5.09 -14.53 23.19
C ILE F 8 -3.85 -14.89 23.98
N LYS F 9 -3.25 -16.04 23.65
CA LYS F 9 -2.00 -16.39 24.24
C LYS F 9 -0.77 -15.88 23.43
N PHE F 10 0.19 -15.31 24.16
CA PHE F 10 1.43 -14.89 23.55
C PHE F 10 2.64 -15.73 23.96
N LYS F 11 3.64 -15.81 23.07
CA LYS F 11 4.92 -16.48 23.43
C LYS F 11 5.42 -15.88 24.75
N ASP F 12 6.19 -16.67 25.49
CA ASP F 12 6.71 -16.24 26.80
C ASP F 12 8.05 -16.91 26.92
N ILE F 13 9.10 -16.13 26.78
CA ILE F 13 10.44 -16.66 26.81
C ILE F 13 11.06 -16.32 28.18
N ALA F 14 11.14 -17.34 29.01
CA ALA F 14 11.53 -17.21 30.40
C ALA F 14 12.80 -18.00 30.60
N ASP F 15 13.71 -17.46 31.40
CA ASP F 15 14.88 -18.20 31.86
C ASP F 15 15.51 -17.42 33.01
N LYS F 16 16.80 -17.65 33.30
CA LYS F 16 17.39 -16.96 34.44
C LYS F 16 17.53 -15.45 34.22
N ARG F 17 17.30 -15.01 32.97
CA ARG F 17 17.36 -13.59 32.57
C ARG F 17 16.03 -12.80 32.74
N GLY F 18 14.91 -13.46 33.02
CA GLY F 18 13.57 -12.82 33.10
C GLY F 18 12.60 -13.35 32.03
N HIS F 19 11.42 -12.74 31.92
CA HIS F 19 10.45 -13.07 30.86
C HIS F 19 10.45 -12.03 29.77
N LEU F 20 10.41 -12.50 28.55
CA LEU F 20 10.30 -11.67 27.38
C LEU F 20 9.14 -12.24 26.57
N THR F 21 8.14 -11.41 26.32
CA THR F 21 7.01 -11.74 25.43
C THR F 21 6.98 -10.82 24.23
N PRO F 22 6.97 -11.36 22.99
CA PRO F 22 6.95 -10.54 21.79
C PRO F 22 5.63 -10.69 20.99
N ILE F 23 5.18 -9.60 20.36
CA ILE F 23 3.86 -9.55 19.73
C ILE F 23 3.98 -8.89 18.36
N GLU F 24 3.93 -9.69 17.29
CA GLU F 24 4.07 -9.12 15.92
C GLU F 24 2.71 -8.81 15.38
N GLY F 25 2.56 -7.55 14.96
CA GLY F 25 1.37 -7.11 14.27
C GLY F 25 0.90 -8.03 13.14
N LYS F 26 -0.40 -8.31 13.11
CA LYS F 26 -1.04 -9.18 12.09
C LYS F 26 -0.72 -10.65 12.27
N ILE F 27 0.23 -10.98 13.15
CA ILE F 27 0.56 -12.37 13.39
C ILE F 27 0.07 -12.87 14.73
N ASP F 28 0.56 -12.31 15.83
CA ASP F 28 0.14 -12.76 17.13
C ASP F 28 -1.10 -12.07 17.54
N ILE F 29 -1.56 -11.11 16.76
CA ILE F 29 -2.88 -10.53 16.94
C ILE F 29 -3.43 -10.29 15.54
N PRO F 30 -4.75 -10.12 15.42
CA PRO F 30 -5.33 -10.07 14.09
C PRO F 30 -5.15 -8.77 13.29
N PHE F 31 -4.64 -7.72 13.91
CA PHE F 31 -4.59 -6.41 13.26
C PHE F 31 -3.18 -5.83 13.32
N ASP F 32 -2.96 -4.77 12.54
CA ASP F 32 -1.72 -3.97 12.59
C ASP F 32 -1.78 -2.93 13.67
N ILE F 33 -0.65 -2.69 14.29
CA ILE F 33 -0.54 -1.85 15.40
C ILE F 33 -0.33 -0.44 14.92
N LYS F 34 -1.39 0.37 14.86
CA LYS F 34 -1.22 1.77 14.48
C LYS F 34 -0.93 2.62 15.73
N ARG F 35 -1.18 2.06 16.90
CA ARG F 35 -1.09 2.86 18.11
C ARG F 35 -0.96 1.97 19.30
N VAL F 36 -0.18 2.39 20.29
CA VAL F 36 -0.20 1.69 21.56
C VAL F 36 -0.45 2.74 22.60
N TYR F 37 -1.07 2.31 23.71
CA TYR F 37 -1.04 3.17 24.88
C TYR F 37 -0.97 2.42 26.23
N TYR F 38 -0.42 3.09 27.24
CA TYR F 38 -0.31 2.48 28.58
C TYR F 38 -0.84 3.39 29.69
N ILE F 39 -1.56 2.73 30.59
CA ILE F 39 -2.09 3.32 31.79
C ILE F 39 -1.28 2.89 33.05
N THR F 40 -0.83 3.87 33.82
CA THR F 40 -0.12 3.60 35.05
C THR F 40 -0.62 4.43 36.23
N LYS F 41 -0.13 4.05 37.42
CA LYS F 41 -0.25 4.80 38.69
C LYS F 41 -1.68 5.18 39.01
N VAL F 42 -2.56 4.18 38.94
CA VAL F 42 -3.97 4.36 39.22
C VAL F 42 -4.23 3.97 40.67
N ASP F 43 -4.86 4.85 41.44
CA ASP F 43 -5.20 4.57 42.85
C ASP F 43 -6.24 3.46 42.86
N LYS F 44 -6.13 2.56 43.84
CA LYS F 44 -6.92 1.30 43.90
C LYS F 44 -8.45 1.46 43.95
N ASP F 45 -8.95 2.69 44.14
CA ASP F 45 -10.41 2.93 44.09
C ASP F 45 -10.96 3.52 42.77
N ILE F 46 -10.05 3.89 41.88
CA ILE F 46 -10.43 4.40 40.58
C ILE F 46 -11.11 3.32 39.71
N THR F 47 -12.05 3.74 38.87
CA THR F 47 -12.56 2.94 37.76
C THR F 47 -12.41 3.76 36.49
N ARG F 48 -11.74 3.19 35.49
CA ARG F 48 -11.48 3.85 34.22
C ARG F 48 -12.29 3.18 33.13
N GLY F 49 -12.33 3.83 31.97
CA GLY F 49 -12.96 3.28 30.80
C GLY F 49 -14.31 3.91 30.65
N TYR F 50 -15.35 3.09 30.78
CA TYR F 50 -16.73 3.50 30.52
C TYR F 50 -16.79 4.03 29.10
N HIS F 51 -16.60 3.12 28.12
CA HIS F 51 -16.78 3.45 26.71
C HIS F 51 -16.74 2.24 25.77
N SER F 52 -17.27 2.42 24.55
CA SER F 52 -17.19 1.48 23.42
C SER F 52 -16.58 2.13 22.18
N HIS F 53 -16.42 1.35 21.11
CA HIS F 53 -15.95 1.89 19.82
C HIS F 53 -16.72 1.27 18.72
N LYS F 54 -16.83 2.00 17.63
CA LYS F 54 -17.55 1.55 16.46
C LYS F 54 -16.64 0.83 15.49
N LYS F 55 -15.38 1.20 15.50
CA LYS F 55 -14.46 0.65 14.52
C LYS F 55 -13.16 0.14 15.09
N LEU F 56 -12.67 0.73 16.17
CA LEU F 56 -11.44 0.25 16.79
C LEU F 56 -11.45 -1.23 17.19
N HIS F 57 -10.33 -1.91 16.92
CA HIS F 57 -9.99 -3.24 17.43
C HIS F 57 -8.85 -2.98 18.41
N GLN F 58 -8.93 -3.65 19.56
CA GLN F 58 -8.02 -3.38 20.70
C GLN F 58 -7.59 -4.67 21.30
N VAL F 59 -6.34 -4.75 21.73
CA VAL F 59 -5.87 -5.79 22.66
C VAL F 59 -5.30 -5.19 23.98
N LEU F 60 -5.89 -5.58 25.10
CA LEU F 60 -5.47 -5.15 26.43
C LEU F 60 -4.55 -6.13 27.14
N ILE F 61 -3.48 -5.63 27.73
CA ILE F 61 -2.52 -6.53 28.38
C ILE F 61 -1.96 -5.90 29.67
N CYS F 62 -1.92 -6.69 30.73
CA CYS F 62 -1.43 -6.19 32.01
C CYS F 62 -0.03 -6.76 32.20
N LEU F 63 0.98 -5.89 32.28
CA LEU F 63 2.39 -6.30 32.28
C LEU F 63 3.00 -6.40 33.67
N ASN F 64 2.27 -5.88 34.65
CA ASN F 64 2.68 -5.94 36.04
C ASN F 64 1.42 -5.79 36.93
N GLY F 65 1.40 -6.53 38.02
CA GLY F 65 0.23 -6.48 38.90
C GLY F 65 -1.00 -7.03 38.23
N SER F 66 -2.12 -6.40 38.45
CA SER F 66 -3.39 -6.95 38.04
C SER F 66 -4.47 -5.86 37.90
N VAL F 67 -5.52 -6.20 37.17
CA VAL F 67 -6.56 -5.25 36.86
C VAL F 67 -7.73 -6.05 36.30
N LYS F 68 -8.92 -5.62 36.65
CA LYS F 68 -10.12 -6.35 36.29
C LYS F 68 -10.76 -5.54 35.20
N ILE F 69 -11.21 -6.22 34.15
CA ILE F 69 -11.86 -5.55 33.06
C ILE F 69 -13.31 -6.00 33.12
N ARG F 70 -14.23 -5.04 33.12
CA ARG F 70 -15.64 -5.38 33.10
C ARG F 70 -16.13 -5.14 31.68
N LEU F 71 -16.71 -6.17 31.06
CA LEU F 71 -17.13 -6.13 29.67
C LEU F 71 -18.63 -6.27 29.65
N LYS F 72 -19.32 -5.38 28.96
CA LYS F 72 -20.79 -5.47 28.87
C LYS F 72 -21.26 -5.37 27.42
N ILE F 73 -22.22 -6.21 27.06
CA ILE F 73 -23.01 -6.03 25.84
C ILE F 73 -24.45 -6.15 26.33
N PRO F 74 -25.42 -5.82 25.47
CA PRO F 74 -26.81 -5.85 25.93
C PRO F 74 -27.20 -7.13 26.64
N ASP F 75 -27.54 -6.98 27.92
CA ASP F 75 -28.07 -8.06 28.75
C ASP F 75 -27.03 -9.15 29.05
N GLU F 76 -25.76 -8.77 29.16
CA GLU F 76 -24.72 -9.68 29.62
C GLU F 76 -23.51 -8.91 30.20
N GLU F 77 -22.79 -9.52 31.13
CA GLU F 77 -21.66 -8.86 31.77
C GLU F 77 -20.66 -9.92 32.17
N LYS F 78 -19.36 -9.66 31.92
CA LYS F 78 -18.29 -10.52 32.40
C LYS F 78 -17.25 -9.65 33.08
N ILE F 79 -16.66 -10.19 34.14
CA ILE F 79 -15.41 -9.63 34.61
C ILE F 79 -14.28 -10.56 34.15
N ILE F 80 -13.14 -9.97 33.83
CA ILE F 80 -11.94 -10.75 33.56
C ILE F 80 -10.81 -10.10 34.31
N GLU F 81 -10.04 -10.91 35.02
CA GLU F 81 -8.84 -10.41 35.68
C GLU F 81 -7.65 -10.65 34.80
N LEU F 82 -6.81 -9.64 34.67
CA LEU F 82 -5.62 -9.72 33.88
C LEU F 82 -4.41 -9.60 34.78
N ASN F 83 -3.56 -10.62 34.72
CA ASN F 83 -2.38 -10.73 35.55
C ASN F 83 -1.26 -11.55 34.95
N ASP F 84 -1.38 -11.87 33.68
CA ASP F 84 -0.37 -12.61 33.01
C ASP F 84 0.05 -11.74 31.83
N PRO F 85 1.34 -11.33 31.83
CA PRO F 85 1.84 -10.48 30.75
C PRO F 85 1.79 -11.17 29.36
N SER F 86 1.64 -12.49 29.38
CA SER F 86 1.63 -13.28 28.17
C SER F 86 0.22 -13.67 27.74
N VAL F 87 -0.81 -13.12 28.36
CA VAL F 87 -2.18 -13.27 27.83
C VAL F 87 -2.74 -11.91 27.48
N GLY F 88 -3.43 -11.80 26.35
CA GLY F 88 -3.98 -10.52 25.90
C GLY F 88 -5.47 -10.62 25.76
N LEU F 89 -6.17 -9.51 25.97
CA LEU F 89 -7.63 -9.51 25.90
C LEU F 89 -8.06 -8.69 24.69
N TYR F 90 -8.62 -9.39 23.72
CA TYR F 90 -9.10 -8.79 22.49
C TYR F 90 -10.53 -8.31 22.66
N ILE F 91 -10.75 -7.05 22.33
CA ILE F 91 -12.07 -6.47 22.36
C ILE F 91 -12.34 -5.85 20.99
N GLY F 92 -13.33 -6.41 20.31
CA GLY F 92 -13.85 -5.86 19.09
C GLY F 92 -14.84 -4.72 19.29
N PRO F 93 -15.27 -4.11 18.17
CA PRO F 93 -16.21 -3.03 18.19
C PRO F 93 -17.52 -3.41 18.86
N LEU F 94 -18.19 -2.39 19.38
CA LEU F 94 -19.49 -2.49 19.98
C LEU F 94 -19.51 -3.37 21.21
N VAL F 95 -18.41 -3.32 21.96
CA VAL F 95 -18.35 -3.87 23.33
C VAL F 95 -17.93 -2.72 24.24
N TRP F 96 -18.65 -2.64 25.36
CA TRP F 96 -18.44 -1.64 26.40
C TRP F 96 -17.51 -2.23 27.39
N HIS F 97 -16.50 -1.49 27.83
CA HIS F 97 -15.65 -2.00 28.89
C HIS F 97 -15.26 -0.95 29.90
N GLU F 98 -14.93 -1.44 31.10
CA GLU F 98 -14.57 -0.61 32.27
C GLU F 98 -13.42 -1.29 33.02
N MET F 99 -12.47 -0.52 33.51
CA MET F 99 -11.29 -1.05 34.17
C MET F 99 -11.23 -0.63 35.64
N PHE F 100 -10.78 -1.54 36.50
CA PHE F 100 -10.73 -1.30 37.94
C PHE F 100 -9.96 -2.39 38.67
N ASP F 101 -9.67 -2.11 39.95
CA ASP F 101 -8.97 -3.03 40.83
C ASP F 101 -7.58 -3.13 40.26
N PHE F 102 -7.13 -1.98 39.76
CA PHE F 102 -5.73 -1.74 39.50
C PHE F 102 -5.04 -1.91 40.83
N THR F 103 -4.47 -3.09 41.05
CA THR F 103 -3.45 -3.24 42.07
C THR F 103 -2.40 -2.18 41.78
N GLU F 104 -1.36 -2.12 42.57
CA GLU F 104 -0.28 -1.21 42.24
C GLU F 104 0.99 -2.04 42.03
N GLY F 105 2.01 -1.51 41.36
CA GLY F 105 1.89 -0.51 40.30
C GLY F 105 1.50 -1.29 39.04
N CYS F 106 0.20 -1.61 38.95
CA CYS F 106 -0.35 -2.20 37.78
C CYS F 106 0.06 -1.42 36.52
N VAL F 107 0.29 -2.16 35.44
CA VAL F 107 0.59 -1.55 34.14
C VAL F 107 -0.32 -2.16 33.12
N LEU F 108 -1.09 -1.32 32.45
CA LEU F 108 -1.95 -1.79 31.41
C LEU F 108 -1.47 -1.24 30.06
N LEU F 109 -1.34 -2.14 29.09
CA LEU F 109 -0.89 -1.83 27.75
C LEU F 109 -2.06 -2.10 26.83
N VAL F 110 -2.35 -1.16 25.94
CA VAL F 110 -3.34 -1.44 24.91
C VAL F 110 -2.74 -1.31 23.53
N LEU F 111 -2.92 -2.36 22.73
CA LEU F 111 -2.57 -2.34 21.30
C LEU F 111 -3.80 -1.96 20.46
N ALA F 112 -3.62 -1.02 19.55
CA ALA F 112 -4.77 -0.41 18.89
C ALA F 112 -4.64 -0.43 17.39
N SER F 113 -5.73 -0.74 16.70
CA SER F 113 -5.70 -0.91 15.24
C SER F 113 -5.81 0.41 14.45
N GLU F 114 -6.10 1.52 15.13
CA GLU F 114 -6.25 2.84 14.50
C GLU F 114 -5.64 3.92 15.38
N TYR F 115 -5.32 5.04 14.77
CA TYR F 115 -4.98 6.24 15.50
C TYR F 115 -6.16 6.67 16.37
N TYR F 116 -5.85 7.50 17.35
CA TYR F 116 -6.89 8.01 18.23
C TYR F 116 -7.87 8.91 17.47
N ASP F 117 -9.15 8.65 17.68
CA ASP F 117 -10.25 9.37 17.05
C ASP F 117 -11.48 9.38 18.00
N GLU F 118 -11.64 10.54 18.65
CA GLU F 118 -12.73 10.82 19.61
C GLU F 118 -14.11 10.47 19.05
N THR F 119 -14.27 10.59 17.75
CA THR F 119 -15.57 10.34 17.15
C THR F 119 -15.90 8.84 17.06
N ASP F 120 -14.90 7.98 17.20
CA ASP F 120 -15.16 6.52 17.16
C ASP F 120 -15.46 5.97 18.57
N TYR F 121 -15.21 6.74 19.61
CA TYR F 121 -15.69 6.37 20.93
C TYR F 121 -17.22 6.52 20.98
N ILE F 122 -17.85 5.71 21.82
CA ILE F 122 -19.16 6.03 22.39
C ILE F 122 -18.97 6.08 23.91
N ARG F 123 -19.16 7.26 24.52
CA ARG F 123 -19.00 7.46 25.97
C ARG F 123 -20.33 7.59 26.69
N ASN F 124 -21.42 7.63 25.93
CA ASN F 124 -22.75 7.68 26.50
C ASN F 124 -23.23 6.26 26.57
N TYR F 125 -23.62 5.79 27.74
CA TYR F 125 -24.06 4.40 27.87
C TYR F 125 -25.34 4.07 27.11
N ASP F 126 -26.36 4.92 27.17
CA ASP F 126 -27.64 4.55 26.55
C ASP F 126 -27.48 4.53 25.08
N PHE F 127 -26.73 5.49 24.53
CA PHE F 127 -26.49 5.45 23.11
C PHE F 127 -25.82 4.13 22.74
N TYR F 128 -24.82 3.72 23.52
CA TYR F 128 -24.21 2.41 23.29
C TYR F 128 -25.27 1.32 23.17
N ILE F 129 -26.18 1.25 24.13
CA ILE F 129 -27.19 0.17 24.16
C ILE F 129 -28.14 0.22 22.95
N ASP F 130 -28.49 1.42 22.54
CA ASP F 130 -29.31 1.61 21.36
C ASP F 130 -28.61 1.06 20.13
N GLU F 131 -27.39 1.52 19.86
CA GLU F 131 -26.65 1.07 18.68
C GLU F 131 -26.26 -0.41 18.73
N ALA F 132 -26.07 -0.93 19.94
CA ALA F 132 -25.61 -2.29 20.15
C ALA F 132 -26.76 -3.25 19.96
N LYS F 133 -27.90 -2.94 20.57
CA LYS F 133 -29.10 -3.81 20.45
C LYS F 133 -29.45 -4.14 18.99
N LYS F 134 -29.28 -3.17 18.09
CA LYS F 134 -29.24 -3.42 16.63
C LYS F 134 -28.56 -4.74 16.28
N ARG F 135 -27.33 -4.87 16.76
CA ARG F 135 -26.44 -5.96 16.40
C ARG F 135 -26.80 -7.26 17.12
N PHE F 136 -26.82 -7.18 18.44
CA PHE F 136 -26.81 -8.38 19.28
C PHE F 136 -28.16 -9.01 19.51
N LEU F 137 -29.24 -8.42 18.99
CA LEU F 137 -30.57 -9.04 19.16
C LEU F 137 -31.38 -9.19 17.86
N GLU F 138 -32.17 -10.27 17.82
CA GLU F 138 -33.26 -10.44 16.84
C GLU F 138 -34.59 -9.98 17.47
N MET G 1 17.92 11.73 -31.19
CA MET G 1 17.20 12.23 -29.97
C MET G 1 17.85 11.57 -28.78
N LEU G 2 18.02 12.31 -27.69
CA LEU G 2 18.43 11.66 -26.46
C LEU G 2 17.17 11.26 -25.73
N TYR G 3 16.81 10.02 -25.99
CA TYR G 3 15.70 9.33 -25.37
C TYR G 3 15.90 9.19 -23.85
N ASN G 4 14.78 9.09 -23.14
CA ASN G 4 14.70 8.78 -21.68
C ASN G 4 15.38 9.79 -20.77
N VAL G 5 15.52 11.01 -21.23
CA VAL G 5 16.13 12.05 -20.44
C VAL G 5 15.32 13.32 -20.52
N ALA G 6 15.35 14.11 -19.45
CA ALA G 6 14.70 15.40 -19.42
C ALA G 6 15.23 16.32 -18.30
N LEU G 7 15.11 17.62 -18.58
CA LEU G 7 15.34 18.67 -17.65
C LEU G 7 14.01 19.02 -17.00
N ILE G 8 13.95 18.85 -15.69
CA ILE G 8 12.86 19.25 -14.87
C ILE G 8 13.23 20.56 -14.16
N LYS G 9 12.30 21.54 -14.24
CA LYS G 9 12.39 22.78 -13.52
C LYS G 9 11.59 22.62 -12.23
N PHE G 10 12.20 23.03 -11.12
CA PHE G 10 11.54 23.01 -9.84
C PHE G 10 11.20 24.45 -9.48
N LYS G 11 10.51 24.59 -8.38
CA LYS G 11 10.22 25.88 -7.79
C LYS G 11 11.47 26.39 -7.12
N ASP G 12 11.75 27.67 -7.33
CA ASP G 12 12.82 28.39 -6.63
C ASP G 12 12.12 29.52 -5.85
N ILE G 13 11.94 29.33 -4.54
CA ILE G 13 11.39 30.37 -3.66
C ILE G 13 12.51 31.27 -3.19
N ALA G 14 12.81 32.31 -3.97
CA ALA G 14 13.98 33.17 -3.75
C ALA G 14 13.57 34.52 -3.20
N ASP G 15 14.31 34.97 -2.19
CA ASP G 15 14.06 36.25 -1.54
C ASP G 15 15.33 36.74 -0.82
N LYS G 16 15.20 37.73 0.07
CA LYS G 16 16.36 38.24 0.83
C LYS G 16 16.91 37.21 1.81
N ARG G 17 16.06 36.28 2.26
CA ARG G 17 16.53 35.22 3.13
C ARG G 17 17.34 34.13 2.40
N GLY G 18 17.28 34.13 1.07
CA GLY G 18 18.05 33.20 0.23
C GLY G 18 17.13 32.40 -0.71
N HIS G 19 17.68 31.36 -1.33
CA HIS G 19 16.92 30.48 -2.22
C HIS G 19 16.54 29.19 -1.53
N LEU G 20 15.31 28.74 -1.77
CA LEU G 20 14.82 27.46 -1.31
C LEU G 20 14.10 26.73 -2.44
N THR G 21 14.46 25.46 -2.65
CA THR G 21 13.80 24.56 -3.62
C THR G 21 13.21 23.32 -2.91
N PRO G 22 11.88 23.10 -3.04
CA PRO G 22 11.24 21.89 -2.56
C PRO G 22 10.94 20.91 -3.71
N ILE G 23 11.17 19.62 -3.43
CA ILE G 23 10.90 18.54 -4.36
C ILE G 23 10.09 17.42 -3.69
N GLU G 24 8.82 17.29 -4.08
CA GLU G 24 7.89 16.30 -3.49
C GLU G 24 7.70 15.04 -4.36
N GLY G 25 7.83 13.86 -3.76
CA GLY G 25 7.57 12.59 -4.45
C GLY G 25 6.32 12.60 -5.34
N LYS G 26 6.49 12.15 -6.57
CA LYS G 26 5.33 11.94 -7.48
C LYS G 26 4.72 13.22 -7.97
N ILE G 27 5.08 14.35 -7.37
CA ILE G 27 4.56 15.62 -7.80
C ILE G 27 5.57 16.39 -8.64
N ASP G 28 6.66 16.89 -8.04
CA ASP G 28 7.67 17.67 -8.81
C ASP G 28 8.58 16.76 -9.62
N ILE G 29 8.60 15.49 -9.26
CA ILE G 29 9.25 14.42 -10.03
C ILE G 29 8.24 13.30 -10.13
N PRO G 30 8.35 12.47 -11.18
CA PRO G 30 7.30 11.48 -11.43
C PRO G 30 7.31 10.24 -10.53
N PHE G 31 8.33 10.08 -9.68
CA PHE G 31 8.43 8.89 -8.86
C PHE G 31 8.56 9.20 -7.39
N ASP G 32 8.21 8.25 -6.54
CA ASP G 32 8.53 8.31 -5.11
C ASP G 32 10.03 8.16 -4.91
N ILE G 33 10.52 8.80 -3.85
CA ILE G 33 11.91 8.75 -3.48
C ILE G 33 12.13 7.63 -2.46
N LYS G 34 12.85 6.60 -2.88
CA LYS G 34 13.21 5.56 -1.94
C LYS G 34 14.61 5.87 -1.38
N ARG G 35 15.40 6.60 -2.16
CA ARG G 35 16.78 6.79 -1.86
C ARG G 35 17.30 8.16 -2.38
N VAL G 36 18.22 8.75 -1.61
CA VAL G 36 18.98 9.90 -2.09
C VAL G 36 20.44 9.59 -1.85
N TYR G 37 21.29 10.05 -2.78
CA TYR G 37 22.71 10.07 -2.49
C TYR G 37 23.33 11.38 -2.96
N TYR G 38 24.39 11.78 -2.26
CA TYR G 38 25.14 12.99 -2.65
C TYR G 38 26.66 12.76 -2.68
N ILE G 39 27.29 13.48 -3.59
CA ILE G 39 28.70 13.30 -3.94
C ILE G 39 29.39 14.64 -3.71
N THR G 40 30.46 14.63 -2.92
CA THR G 40 31.18 15.87 -2.63
C THR G 40 32.70 15.74 -2.84
N LYS G 41 33.38 16.89 -2.86
CA LYS G 41 34.84 16.94 -2.75
C LYS G 41 35.49 15.99 -3.74
N VAL G 42 35.29 16.29 -5.01
CA VAL G 42 35.87 15.52 -6.08
C VAL G 42 36.99 16.35 -6.72
N ASP G 43 38.17 15.74 -6.87
CA ASP G 43 39.30 16.35 -7.64
C ASP G 43 38.81 16.74 -9.03
N LYS G 44 39.17 17.95 -9.43
CA LYS G 44 38.69 18.55 -10.67
C LYS G 44 39.01 17.79 -11.98
N ASP G 45 39.91 16.79 -11.90
CA ASP G 45 40.33 15.96 -13.04
C ASP G 45 39.71 14.54 -13.10
N ILE G 46 38.69 14.30 -12.27
CA ILE G 46 38.07 12.98 -12.15
C ILE G 46 36.78 12.88 -12.97
N THR G 47 36.61 11.73 -13.60
CA THR G 47 35.32 11.34 -14.15
C THR G 47 34.75 10.20 -13.28
N ARG G 48 33.49 10.36 -12.85
CA ARG G 48 32.76 9.38 -12.04
C ARG G 48 31.60 8.84 -12.85
N GLY G 49 30.99 7.77 -12.36
CA GLY G 49 29.79 7.23 -12.97
C GLY G 49 30.11 5.94 -13.69
N TYR G 50 30.06 6.01 -15.02
CA TYR G 50 30.38 4.86 -15.84
C TYR G 50 29.41 3.73 -15.58
N HIS G 51 28.12 4.03 -15.67
CA HIS G 51 27.10 3.00 -15.53
C HIS G 51 25.76 3.38 -16.12
N SER G 52 24.91 2.37 -16.23
CA SER G 52 23.53 2.55 -16.57
C SER G 52 22.75 1.65 -15.64
N HIS G 53 21.43 1.74 -15.75
CA HIS G 53 20.52 0.95 -14.93
C HIS G 53 19.41 0.40 -15.80
N LYS G 54 18.83 -0.71 -15.35
CA LYS G 54 17.72 -1.39 -16.03
C LYS G 54 16.36 -0.95 -15.58
N LYS G 55 16.19 -0.71 -14.28
CA LYS G 55 14.85 -0.44 -13.72
C LYS G 55 14.72 0.95 -13.11
N LEU G 56 15.86 1.44 -12.61
CA LEU G 56 15.94 2.64 -11.77
C LEU G 56 15.57 3.91 -12.51
N HIS G 57 14.85 4.79 -11.82
CA HIS G 57 14.66 6.15 -12.28
C HIS G 57 15.45 7.07 -11.34
N GLN G 58 16.03 8.13 -11.90
CA GLN G 58 17.02 8.99 -11.19
C GLN G 58 16.80 10.42 -11.57
N VAL G 59 16.92 11.32 -10.62
CA VAL G 59 17.05 12.74 -10.98
C VAL G 59 18.33 13.27 -10.36
N LEU G 60 19.14 14.00 -11.13
CA LEU G 60 20.45 14.52 -10.69
C LEU G 60 20.36 16.04 -10.53
N ILE G 61 20.74 16.57 -9.37
CA ILE G 61 20.65 18.01 -9.15
C ILE G 61 21.97 18.56 -8.63
N CYS G 62 22.50 19.62 -9.27
CA CYS G 62 23.75 20.24 -8.77
C CYS G 62 23.43 21.37 -7.83
N LEU G 63 23.71 21.22 -6.54
CA LEU G 63 23.26 22.19 -5.53
C LEU G 63 24.24 23.31 -5.23
N ASN G 64 25.48 23.17 -5.71
CA ASN G 64 26.49 24.23 -5.62
C ASN G 64 27.53 24.06 -6.74
N GLY G 65 27.98 25.17 -7.32
CA GLY G 65 29.03 25.09 -8.35
C GLY G 65 28.45 24.45 -9.56
N SER G 66 29.19 23.57 -10.21
CA SER G 66 28.79 22.98 -11.49
C SER G 66 29.43 21.60 -11.78
N VAL G 67 28.79 20.86 -12.66
CA VAL G 67 29.28 19.56 -13.10
C VAL G 67 28.69 19.24 -14.48
N LYS G 68 29.46 18.48 -15.24
CA LYS G 68 29.01 18.08 -16.52
C LYS G 68 28.61 16.59 -16.47
N ILE G 69 27.51 16.29 -17.15
CA ILE G 69 26.98 14.96 -17.27
C ILE G 69 27.18 14.50 -18.72
N ARG G 70 27.85 13.38 -18.87
CA ARG G 70 28.01 12.81 -20.20
C ARG G 70 26.90 11.78 -20.25
N LEU G 71 25.96 11.99 -21.18
CA LEU G 71 24.88 11.06 -21.46
C LEU G 71 25.13 10.31 -22.77
N LYS G 72 25.01 8.97 -22.73
CA LYS G 72 25.29 8.16 -23.91
C LYS G 72 24.23 7.11 -24.15
N ILE G 73 23.84 7.00 -25.41
CA ILE G 73 23.07 5.87 -25.95
C ILE G 73 23.70 5.49 -27.32
N PRO G 74 23.46 4.26 -27.78
CA PRO G 74 24.11 3.83 -29.02
C PRO G 74 24.18 4.90 -30.10
N ASP G 75 25.41 5.34 -30.39
CA ASP G 75 25.76 6.34 -31.43
C ASP G 75 25.18 7.74 -31.21
N GLU G 76 24.94 8.12 -29.95
CA GLU G 76 24.60 9.50 -29.62
C GLU G 76 25.22 9.83 -28.28
N GLU G 77 25.69 11.08 -28.17
CA GLU G 77 26.33 11.52 -26.94
C GLU G 77 25.88 12.96 -26.69
N LYS G 78 25.60 13.28 -25.44
CA LYS G 78 25.17 14.63 -25.14
C LYS G 78 25.81 15.02 -23.83
N ILE G 79 26.08 16.31 -23.71
CA ILE G 79 26.70 16.82 -22.54
C ILE G 79 25.75 17.82 -22.02
N ILE G 80 25.48 17.73 -20.73
CA ILE G 80 24.61 18.64 -20.03
C ILE G 80 25.38 19.10 -18.80
N GLU G 81 25.43 20.42 -18.64
CA GLU G 81 26.07 21.03 -17.51
C GLU G 81 24.97 21.49 -16.56
N LEU G 82 25.10 21.06 -15.30
CA LEU G 82 24.16 21.40 -14.25
C LEU G 82 24.81 22.42 -13.36
N ASN G 83 24.27 23.63 -13.37
CA ASN G 83 24.75 24.72 -12.50
C ASN G 83 23.68 25.31 -11.59
N ASP G 84 22.42 25.12 -11.96
CA ASP G 84 21.26 25.74 -11.29
C ASP G 84 20.63 24.68 -10.39
N PRO G 85 20.56 24.92 -9.06
CA PRO G 85 19.86 24.02 -8.14
C PRO G 85 18.34 23.85 -8.35
N SER G 86 17.71 24.69 -9.17
CA SER G 86 16.29 24.54 -9.45
C SER G 86 16.03 23.73 -10.75
N VAL G 87 17.04 23.05 -11.25
CA VAL G 87 16.91 22.27 -12.47
C VAL G 87 17.47 20.87 -12.23
N GLY G 88 16.64 19.86 -12.42
CA GLY G 88 17.09 18.47 -12.26
C GLY G 88 17.25 17.82 -13.62
N LEU G 89 18.19 16.89 -13.74
CA LEU G 89 18.32 16.12 -14.93
C LEU G 89 17.71 14.78 -14.62
N TYR G 90 16.56 14.50 -15.21
CA TYR G 90 15.97 13.17 -15.14
C TYR G 90 16.64 12.25 -16.12
N ILE G 91 17.04 11.09 -15.62
CA ILE G 91 17.56 10.03 -16.45
C ILE G 91 16.86 8.68 -16.21
N GLY G 92 16.25 8.16 -17.25
CA GLY G 92 15.59 6.87 -17.21
C GLY G 92 16.51 5.68 -17.43
N PRO G 93 15.93 4.48 -17.50
CA PRO G 93 16.66 3.23 -17.71
C PRO G 93 17.41 3.18 -19.02
N LEU G 94 18.51 2.43 -19.04
CA LEU G 94 19.22 2.14 -20.27
C LEU G 94 19.82 3.37 -20.90
N VAL G 95 20.05 4.40 -20.08
CA VAL G 95 20.89 5.53 -20.46
C VAL G 95 22.18 5.44 -19.63
N TRP G 96 23.31 5.53 -20.30
CA TRP G 96 24.62 5.41 -19.65
C TRP G 96 25.08 6.82 -19.38
N HIS G 97 25.64 7.04 -18.20
CA HIS G 97 26.10 8.38 -17.86
C HIS G 97 27.41 8.40 -17.05
N GLU G 98 28.05 9.56 -17.13
CA GLU G 98 29.36 9.80 -16.56
C GLU G 98 29.29 11.23 -16.14
N MET G 99 29.98 11.54 -15.07
CA MET G 99 29.91 12.86 -14.47
C MET G 99 31.33 13.45 -14.32
N PHE G 100 31.56 14.67 -14.82
CA PHE G 100 32.93 15.25 -14.87
C PHE G 100 32.99 16.79 -14.64
N ASP G 101 34.19 17.38 -14.74
CA ASP G 101 34.44 18.77 -14.32
C ASP G 101 33.61 19.16 -13.12
N PHE G 102 33.80 18.48 -11.99
CA PHE G 102 33.24 18.96 -10.73
C PHE G 102 34.01 20.23 -10.34
N THR G 103 33.30 21.33 -10.06
CA THR G 103 33.95 22.55 -9.67
C THR G 103 34.23 22.46 -8.19
N GLU G 104 34.95 23.44 -7.65
CA GLU G 104 35.36 23.41 -6.26
C GLU G 104 34.14 23.71 -5.38
N GLY G 105 33.95 22.86 -4.36
CA GLY G 105 32.78 22.91 -3.48
C GLY G 105 31.51 22.45 -4.18
N CYS G 106 31.63 21.59 -5.19
CA CYS G 106 30.44 21.16 -5.94
C CYS G 106 29.68 20.07 -5.17
N VAL G 107 28.37 20.19 -5.19
CA VAL G 107 27.51 19.24 -4.51
C VAL G 107 26.51 18.67 -5.51
N LEU G 108 26.54 17.36 -5.67
CA LEU G 108 25.65 16.68 -6.60
C LEU G 108 24.70 15.78 -5.81
N LEU G 109 23.41 16.12 -5.91
CA LEU G 109 22.35 15.38 -5.26
C LEU G 109 21.73 14.50 -6.29
N VAL G 110 21.51 13.25 -5.92
CA VAL G 110 20.72 12.34 -6.74
C VAL G 110 19.54 11.76 -5.98
N LEU G 111 18.38 11.86 -6.63
CA LEU G 111 17.13 11.29 -6.19
C LEU G 111 16.84 9.99 -6.98
N ALA G 112 16.54 8.90 -6.26
CA ALA G 112 16.56 7.54 -6.78
C ALA G 112 15.21 6.86 -6.53
N SER G 113 14.65 6.21 -7.52
CA SER G 113 13.33 5.57 -7.35
C SER G 113 13.36 4.21 -6.67
N GLU G 114 14.54 3.70 -6.29
CA GLU G 114 14.69 2.37 -5.67
C GLU G 114 15.85 2.32 -4.69
N TYR G 115 15.79 1.39 -3.74
CA TYR G 115 16.91 1.17 -2.82
C TYR G 115 18.09 0.63 -3.59
N TYR G 116 19.30 0.88 -3.08
CA TYR G 116 20.52 0.48 -3.77
C TYR G 116 20.46 -0.98 -4.12
N ASP G 117 20.86 -1.27 -5.36
CA ASP G 117 20.88 -2.61 -5.92
C ASP G 117 21.97 -2.78 -6.99
N GLU G 118 23.14 -3.31 -6.58
CA GLU G 118 24.24 -3.63 -7.51
C GLU G 118 23.72 -4.43 -8.71
N THR G 119 22.83 -5.40 -8.50
CA THR G 119 22.34 -6.25 -9.61
C THR G 119 21.56 -5.46 -10.70
N ASP G 120 21.16 -4.22 -10.40
CA ASP G 120 20.48 -3.35 -11.40
C ASP G 120 21.45 -2.50 -12.22
N TYR G 121 22.69 -2.35 -11.72
CA TYR G 121 23.74 -1.64 -12.46
C TYR G 121 24.30 -2.44 -13.64
N ILE G 122 24.41 -1.81 -14.79
CA ILE G 122 25.29 -2.27 -15.86
C ILE G 122 26.57 -1.43 -15.77
N ARG G 123 27.69 -2.05 -15.39
CA ARG G 123 28.97 -1.32 -15.28
C ARG G 123 29.94 -1.50 -16.45
N ASN G 124 29.67 -2.47 -17.33
CA ASN G 124 30.50 -2.71 -18.50
C ASN G 124 29.91 -2.10 -19.78
N TYR G 125 30.61 -1.11 -20.35
CA TYR G 125 30.13 -0.40 -21.55
C TYR G 125 29.84 -1.24 -22.81
N ASP G 126 30.48 -2.40 -22.96
CA ASP G 126 30.13 -3.29 -24.08
C ASP G 126 28.90 -4.10 -23.74
N PHE G 127 28.83 -4.57 -22.49
CA PHE G 127 27.61 -5.20 -22.01
C PHE G 127 26.43 -4.24 -22.15
N TYR G 128 26.66 -2.94 -21.89
CA TYR G 128 25.61 -1.92 -22.06
C TYR G 128 25.23 -1.78 -23.53
N ILE G 129 26.23 -1.68 -24.39
CA ILE G 129 25.98 -1.55 -25.81
C ILE G 129 25.32 -2.81 -26.37
N ASP G 130 25.54 -3.95 -25.71
CA ASP G 130 24.81 -5.16 -26.07
C ASP G 130 23.30 -5.03 -25.77
N GLU G 131 22.94 -4.56 -24.56
CA GLU G 131 21.51 -4.50 -24.18
C GLU G 131 20.75 -3.34 -24.83
N ALA G 132 21.37 -2.16 -24.86
CA ALA G 132 20.70 -0.96 -25.35
C ALA G 132 20.52 -0.93 -26.85
N LYS G 133 21.33 -1.70 -27.57
CA LYS G 133 21.16 -1.82 -29.02
C LYS G 133 19.76 -2.30 -29.41
N LYS G 134 19.27 -3.33 -28.71
CA LYS G 134 17.95 -3.93 -28.95
C LYS G 134 16.77 -2.96 -28.81
N ARG G 135 16.84 -2.12 -27.78
CA ARG G 135 15.90 -1.01 -27.56
C ARG G 135 15.95 0.14 -28.61
N PHE G 136 17.16 0.58 -28.98
CA PHE G 136 17.35 1.63 -29.98
C PHE G 136 17.89 1.04 -31.29
N MET H 1 17.50 16.94 29.52
CA MET H 1 18.01 16.52 28.19
C MET H 1 17.39 17.40 27.12
N LEU H 2 17.88 17.28 25.88
CA LEU H 2 17.23 17.91 24.73
C LEU H 2 16.47 16.86 23.90
N TYR H 3 15.20 16.72 24.23
CA TYR H 3 14.31 15.72 23.64
C TYR H 3 14.05 15.87 22.18
N ASN H 4 13.73 14.74 21.53
CA ASN H 4 13.20 14.70 20.15
C ASN H 4 14.20 15.07 19.07
N VAL H 5 15.47 14.83 19.36
CA VAL H 5 16.59 15.26 18.55
C VAL H 5 17.70 14.18 18.65
N ALA H 6 18.46 14.05 17.56
CA ALA H 6 19.51 13.07 17.44
C ALA H 6 20.47 13.55 16.40
N LEU H 7 21.75 13.18 16.56
CA LEU H 7 22.71 13.24 15.46
C LEU H 7 22.83 11.84 14.88
N ILE H 8 22.67 11.73 13.56
CA ILE H 8 22.68 10.44 12.87
C ILE H 8 23.84 10.39 11.90
N LYS H 9 24.66 9.34 12.00
CA LYS H 9 25.90 9.22 11.22
C LYS H 9 25.65 8.36 9.98
N PHE H 10 25.96 8.89 8.80
CA PHE H 10 25.77 8.15 7.56
C PHE H 10 27.04 7.46 6.98
N LYS H 11 26.88 6.44 6.14
CA LYS H 11 28.02 5.89 5.39
C LYS H 11 28.71 7.01 4.64
N ASP H 12 30.03 6.91 4.48
CA ASP H 12 30.81 7.87 3.71
C ASP H 12 31.89 7.11 2.94
N ILE H 13 31.56 6.73 1.72
CA ILE H 13 32.44 6.04 0.82
C ILE H 13 33.43 7.06 0.28
N ALA H 14 34.63 7.07 0.86
CA ALA H 14 35.69 8.02 0.53
C ALA H 14 36.83 7.34 -0.22
N ASP H 15 37.18 7.85 -1.38
CA ASP H 15 38.34 7.38 -2.11
C ASP H 15 38.90 8.52 -2.94
N LYS H 16 39.82 8.19 -3.85
CA LYS H 16 40.41 9.21 -4.74
C LYS H 16 39.38 9.78 -5.71
N ARG H 17 38.32 9.03 -5.93
CA ARG H 17 37.20 9.49 -6.74
C ARG H 17 36.37 10.59 -6.04
N GLY H 18 36.54 10.77 -4.74
CA GLY H 18 35.74 11.77 -3.99
C GLY H 18 34.95 11.18 -2.81
N HIS H 19 33.83 11.82 -2.44
CA HIS H 19 33.03 11.40 -1.28
C HIS H 19 31.60 11.13 -1.65
N LEU H 20 31.08 9.99 -1.19
CA LEU H 20 29.67 9.68 -1.43
C LEU H 20 28.99 9.18 -0.17
N THR H 21 27.86 9.81 0.15
CA THR H 21 27.01 9.36 1.22
C THR H 21 25.65 8.96 0.63
N PRO H 22 25.17 7.74 0.96
CA PRO H 22 23.88 7.25 0.53
C PRO H 22 22.89 7.16 1.67
N ILE H 23 21.65 7.59 1.43
CA ILE H 23 20.60 7.63 2.48
C ILE H 23 19.28 6.98 2.07
N GLU H 24 19.06 5.80 2.61
CA GLU H 24 17.90 4.98 2.21
C GLU H 24 16.76 5.13 3.20
N GLY H 25 15.60 5.46 2.67
CA GLY H 25 14.41 5.62 3.47
C GLY H 25 14.12 4.42 4.35
N LYS H 26 13.78 4.69 5.61
CA LYS H 26 13.51 3.69 6.64
C LYS H 26 14.74 2.91 7.10
N ILE H 27 15.87 3.02 6.40
CA ILE H 27 17.09 2.30 6.77
C ILE H 27 18.14 3.23 7.45
N ASP H 28 18.75 4.11 6.68
CA ASP H 28 19.66 5.09 7.23
C ASP H 28 18.97 6.21 7.96
N ILE H 29 17.64 6.32 7.82
CA ILE H 29 16.78 7.20 8.63
C ILE H 29 15.46 6.52 9.00
N PRO H 30 14.88 6.86 10.17
CA PRO H 30 13.74 6.09 10.68
C PRO H 30 12.44 6.25 9.93
N PHE H 31 12.40 7.06 8.87
CA PHE H 31 11.17 7.30 8.14
C PHE H 31 11.40 7.29 6.62
N ASP H 32 10.30 7.32 5.85
CA ASP H 32 10.32 7.38 4.40
C ASP H 32 10.39 8.80 3.98
N ILE H 33 10.95 9.00 2.81
CA ILE H 33 11.18 10.31 2.30
C ILE H 33 10.10 10.70 1.30
N LYS H 34 9.18 11.53 1.74
CA LYS H 34 8.10 11.96 0.86
C LYS H 34 8.49 13.27 0.24
N ARG H 35 9.50 13.91 0.84
CA ARG H 35 9.83 15.26 0.41
C ARG H 35 11.24 15.62 0.85
N VAL H 36 11.94 16.34 -0.03
CA VAL H 36 13.20 16.96 0.28
C VAL H 36 13.14 18.40 -0.12
N TYR H 37 13.90 19.20 0.63
CA TYR H 37 14.19 20.57 0.21
C TYR H 37 15.60 20.97 0.56
N TYR H 38 16.07 21.97 -0.16
CA TYR H 38 17.38 22.50 0.08
C TYR H 38 17.39 24.04 0.00
N ILE H 39 18.26 24.62 0.84
CA ILE H 39 18.46 26.06 0.94
C ILE H 39 19.88 26.43 0.54
N THR H 40 19.99 27.42 -0.33
CA THR H 40 21.28 27.90 -0.81
C THR H 40 21.35 29.45 -0.83
N LYS H 41 22.56 29.98 -0.84
CA LYS H 41 22.78 31.41 -1.10
C LYS H 41 22.04 32.23 -0.07
N VAL H 42 22.26 31.88 1.18
CA VAL H 42 21.83 32.69 2.29
C VAL H 42 23.00 33.60 2.66
N ASP H 43 22.75 34.90 2.77
CA ASP H 43 23.79 35.86 3.19
C ASP H 43 24.19 35.67 4.67
N LYS H 44 25.44 35.98 4.97
CA LYS H 44 26.04 35.87 6.33
C LYS H 44 25.20 36.35 7.54
N ASP H 45 24.35 37.37 7.35
CA ASP H 45 23.68 38.06 8.48
C ASP H 45 22.25 37.58 8.72
N ILE H 46 21.80 36.60 7.92
CA ILE H 46 20.40 36.22 7.91
C ILE H 46 20.14 35.05 8.85
N THR H 47 18.92 35.02 9.36
CA THR H 47 18.44 33.88 10.09
C THR H 47 17.13 33.37 9.46
N ARG H 48 17.05 32.05 9.35
CA ARG H 48 15.93 31.31 8.77
C ARG H 48 15.29 30.36 9.78
N GLY H 49 14.22 29.71 9.37
CA GLY H 49 13.48 28.80 10.24
C GLY H 49 12.48 29.56 11.05
N TYR H 50 12.68 29.61 12.36
CA TYR H 50 11.66 30.13 13.29
C TYR H 50 10.36 29.41 13.04
N HIS H 51 10.36 28.12 13.33
CA HIS H 51 9.13 27.30 13.39
C HIS H 51 9.36 25.95 14.07
N SER H 52 8.25 25.32 14.47
CA SER H 52 8.23 23.91 14.85
C SER H 52 7.15 23.19 14.01
N HIS H 53 6.95 21.88 14.25
CA HIS H 53 5.90 21.09 13.60
C HIS H 53 5.16 20.17 14.57
N LYS H 54 3.90 19.86 14.29
CA LYS H 54 3.14 18.95 15.15
C LYS H 54 3.38 17.47 14.84
N LYS H 55 3.54 17.14 13.57
CA LYS H 55 3.60 15.75 13.12
C LYS H 55 4.85 15.36 12.31
N LEU H 56 5.49 16.35 11.66
CA LEU H 56 6.54 16.12 10.72
C LEU H 56 7.82 15.67 11.37
N HIS H 57 8.45 14.65 10.80
CA HIS H 57 9.82 14.32 11.17
C HIS H 57 10.76 14.78 10.06
N GLN H 58 11.93 15.34 10.44
CA GLN H 58 12.91 15.94 9.52
C GLN H 58 14.32 15.46 9.75
N VAL H 59 15.16 15.44 8.73
CA VAL H 59 16.59 15.34 8.97
C VAL H 59 17.34 16.40 8.20
N LEU H 60 18.01 17.29 8.94
CA LEU H 60 18.81 18.35 8.32
C LEU H 60 20.24 17.88 8.11
N ILE H 61 20.78 18.14 6.93
CA ILE H 61 22.16 17.77 6.62
C ILE H 61 22.85 18.91 5.84
N CYS H 62 24.03 19.33 6.32
CA CYS H 62 24.85 20.37 5.62
C CYS H 62 25.86 19.73 4.67
N LEU H 63 25.73 20.07 3.40
CA LEU H 63 26.42 19.36 2.35
C LEU H 63 27.69 20.05 1.89
N ASN H 64 27.81 21.33 2.23
CA ASN H 64 28.97 22.14 1.89
C ASN H 64 28.99 23.32 2.84
N GLY H 65 30.16 23.56 3.43
CA GLY H 65 30.36 24.70 4.30
C GLY H 65 29.85 24.45 5.70
N SER H 66 29.16 25.45 6.25
CA SER H 66 28.70 25.32 7.59
C SER H 66 27.46 26.14 7.80
N VAL H 67 26.67 25.70 8.74
CA VAL H 67 25.57 26.47 9.22
C VAL H 67 25.31 25.96 10.62
N LYS H 68 24.75 26.84 11.45
CA LYS H 68 24.43 26.55 12.83
C LYS H 68 22.93 26.46 12.98
N ILE H 69 22.51 25.66 13.96
CA ILE H 69 21.12 25.35 14.14
C ILE H 69 20.76 25.57 15.61
N ARG H 70 19.85 26.50 15.83
CA ARG H 70 19.38 26.74 17.17
C ARG H 70 18.12 25.92 17.42
N LEU H 71 18.19 25.04 18.40
CA LEU H 71 17.09 24.18 18.78
C LEU H 71 16.52 24.66 20.09
N LYS H 72 15.22 24.87 20.19
CA LYS H 72 14.63 25.26 21.47
C LYS H 72 13.45 24.39 21.83
N ILE H 73 13.42 23.94 23.07
CA ILE H 73 12.19 23.54 23.70
C ILE H 73 11.98 24.47 24.89
N PRO H 74 10.82 24.38 25.53
CA PRO H 74 10.63 25.08 26.78
C PRO H 74 11.74 24.78 27.79
N ASP H 75 12.42 25.84 28.22
CA ASP H 75 13.42 25.79 29.30
C ASP H 75 14.72 25.09 28.88
N GLU H 76 15.06 25.15 27.60
CA GLU H 76 16.34 24.61 27.14
C GLU H 76 16.64 25.04 25.68
N GLU H 77 17.91 25.30 25.41
CA GLU H 77 18.38 25.70 24.09
C GLU H 77 19.74 24.99 23.85
N LYS H 78 20.02 24.62 22.61
CA LYS H 78 21.34 24.09 22.24
C LYS H 78 21.57 24.55 20.85
N ILE H 79 22.84 24.59 20.49
CA ILE H 79 23.26 25.14 19.23
C ILE H 79 24.23 24.15 18.60
N ILE H 80 23.89 23.73 17.39
CA ILE H 80 24.57 22.63 16.74
C ILE H 80 25.11 23.14 15.43
N GLU H 81 26.42 22.97 15.24
CA GLU H 81 27.03 23.37 14.00
C GLU H 81 27.06 22.15 13.12
N LEU H 82 26.56 22.32 11.90
CA LEU H 82 26.64 21.25 10.94
C LEU H 82 27.68 21.64 9.91
N ASN H 83 28.70 20.82 9.80
CA ASN H 83 29.76 21.07 8.87
C ASN H 83 30.22 19.80 8.16
N ASP H 84 29.45 18.70 8.32
CA ASP H 84 29.86 17.38 7.81
C ASP H 84 28.71 16.71 7.07
N PRO H 85 28.89 16.48 5.76
CA PRO H 85 27.78 15.87 5.00
C PRO H 85 27.37 14.46 5.47
N SER H 86 28.26 13.80 6.19
CA SER H 86 28.05 12.44 6.65
C SER H 86 27.30 12.42 7.96
N VAL H 87 26.95 13.58 8.49
CA VAL H 87 26.20 13.66 9.73
C VAL H 87 24.89 14.30 9.47
N GLY H 88 23.85 13.84 10.12
CA GLY H 88 22.53 14.42 9.89
C GLY H 88 21.85 14.75 11.18
N LEU H 89 20.99 15.76 11.16
CA LEU H 89 20.35 16.15 12.40
C LEU H 89 18.87 15.93 12.31
N TYR H 90 18.43 15.00 13.15
CA TYR H 90 17.05 14.59 13.20
C TYR H 90 16.34 15.48 14.16
N ILE H 91 15.23 16.04 13.70
CA ILE H 91 14.38 16.88 14.53
C ILE H 91 12.94 16.38 14.50
N GLY H 92 12.49 15.93 15.66
CA GLY H 92 11.13 15.44 15.82
C GLY H 92 10.12 16.54 16.03
N PRO H 93 8.84 16.19 16.01
CA PRO H 93 7.80 17.18 16.30
C PRO H 93 8.02 17.95 17.62
N LEU H 94 7.59 19.21 17.62
CA LEU H 94 7.53 20.03 18.80
C LEU H 94 8.91 20.48 19.32
N VAL H 95 9.88 20.57 18.42
CA VAL H 95 11.11 21.26 18.67
C VAL H 95 11.09 22.48 17.77
N TRP H 96 11.42 23.63 18.37
CA TRP H 96 11.54 24.88 17.64
C TRP H 96 12.94 24.95 17.07
N HIS H 97 13.08 25.13 15.78
CA HIS H 97 14.41 25.42 15.25
C HIS H 97 14.55 26.76 14.48
N GLU H 98 15.79 27.26 14.51
CA GLU H 98 16.21 28.41 13.71
C GLU H 98 17.57 28.04 13.15
N MET H 99 17.97 28.70 12.07
CA MET H 99 19.21 28.46 11.34
C MET H 99 19.97 29.76 10.97
N PHE H 100 21.27 29.80 11.25
CA PHE H 100 22.08 31.02 11.12
C PHE H 100 23.57 30.70 10.93
N ASP H 101 24.36 31.75 10.68
CA ASP H 101 25.78 31.67 10.26
C ASP H 101 25.95 30.70 9.09
N PHE H 102 25.13 30.92 8.08
CA PHE H 102 25.34 30.23 6.82
C PHE H 102 26.63 30.74 6.17
N THR H 103 27.64 29.88 6.02
CA THR H 103 28.85 30.28 5.28
C THR H 103 28.53 30.59 3.81
N GLU H 104 29.55 31.07 3.10
CA GLU H 104 29.48 31.31 1.65
C GLU H 104 29.60 29.94 0.93
N GLY H 105 28.72 29.70 -0.04
CA GLY H 105 28.64 28.40 -0.71
C GLY H 105 27.85 27.33 0.06
N CYS H 106 27.21 27.72 1.15
CA CYS H 106 26.53 26.78 2.02
C CYS H 106 25.30 26.13 1.39
N VAL H 107 25.22 24.81 1.61
CA VAL H 107 24.08 23.99 1.16
C VAL H 107 23.47 23.22 2.34
N LEU H 108 22.21 23.51 2.63
CA LEU H 108 21.46 22.80 3.67
C LEU H 108 20.35 21.91 3.09
N LEU H 109 20.49 20.59 3.25
CA LEU H 109 19.50 19.60 2.74
C LEU H 109 18.59 19.13 3.88
N VAL H 110 17.27 19.18 3.63
CA VAL H 110 16.33 18.61 4.53
C VAL H 110 15.60 17.43 3.91
N LEU H 111 15.57 16.34 4.65
CA LEU H 111 14.72 15.21 4.33
C LEU H 111 13.50 15.21 5.25
N ALA H 112 12.31 15.09 4.66
CA ALA H 112 11.04 15.25 5.37
C ALA H 112 10.10 14.05 5.23
N SER H 113 9.46 13.73 6.33
CA SER H 113 8.63 12.56 6.40
C SER H 113 7.23 12.73 5.83
N GLU H 114 6.89 13.93 5.37
CA GLU H 114 5.54 14.23 4.81
C GLU H 114 5.62 15.31 3.73
N TYR H 115 4.55 15.43 2.95
CA TYR H 115 4.38 16.52 1.99
C TYR H 115 4.23 17.82 2.75
N TYR H 116 4.54 18.92 2.10
CA TYR H 116 4.31 20.24 2.66
C TYR H 116 2.87 20.41 3.10
N ASP H 117 2.65 20.48 4.42
CA ASP H 117 1.34 20.86 5.00
C ASP H 117 1.51 22.08 5.90
N GLU H 118 1.15 23.28 5.42
CA GLU H 118 1.15 24.51 6.24
C GLU H 118 0.38 24.41 7.56
N THR H 119 -0.69 23.61 7.64
CA THR H 119 -1.41 23.48 8.93
C THR H 119 -0.63 22.70 9.98
N ASP H 120 0.47 22.07 9.57
CA ASP H 120 1.30 21.29 10.51
C ASP H 120 2.40 22.17 11.12
N TYR H 121 2.66 23.32 10.45
CA TYR H 121 3.64 24.34 10.86
C TYR H 121 3.16 25.15 12.07
N ILE H 122 4.12 25.55 12.90
CA ILE H 122 3.90 26.49 14.00
C ILE H 122 4.91 27.62 13.85
N ARG H 123 4.47 28.75 13.29
CA ARG H 123 5.35 29.86 12.99
C ARG H 123 5.31 30.92 14.09
N ASN H 124 4.49 30.68 15.12
CA ASN H 124 4.25 31.65 16.20
C ASN H 124 4.76 31.16 17.55
N TYR H 125 5.79 31.81 18.09
CA TYR H 125 6.48 31.28 19.29
C TYR H 125 5.64 31.27 20.57
N ASP H 126 4.58 32.05 20.63
CA ASP H 126 3.71 32.08 21.81
C ASP H 126 2.74 30.90 21.75
N PHE H 127 2.27 30.60 20.53
CA PHE H 127 1.50 29.38 20.26
C PHE H 127 2.42 28.15 20.40
N TYR H 128 3.66 28.22 19.89
CA TYR H 128 4.60 27.10 20.06
C TYR H 128 4.77 26.75 21.51
N ILE H 129 5.01 27.76 22.35
CA ILE H 129 5.26 27.54 23.79
C ILE H 129 3.99 27.04 24.49
N ASP H 130 2.86 27.52 24.01
CA ASP H 130 1.57 27.10 24.55
C ASP H 130 1.39 25.56 24.37
N GLU H 131 1.58 25.08 23.15
CA GLU H 131 1.53 23.66 22.83
C GLU H 131 2.67 22.90 23.52
N ALA H 132 3.89 23.41 23.39
CA ALA H 132 5.06 22.66 23.80
C ALA H 132 5.12 22.33 25.31
N LYS H 133 4.49 23.13 26.17
CA LYS H 133 4.66 22.93 27.63
C LYS H 133 3.88 21.75 28.22
N LYS H 134 2.74 21.42 27.62
CA LYS H 134 1.96 20.19 27.94
C LYS H 134 2.82 18.94 27.81
N ARG H 135 3.49 18.86 26.66
CA ARG H 135 4.39 17.77 26.35
C ARG H 135 5.52 17.76 27.37
N PHE H 136 6.35 18.79 27.34
CA PHE H 136 7.54 18.78 28.16
C PHE H 136 7.21 19.40 29.51
PA TYD I . 3.37 -13.31 -27.44
O1A TYD I . 4.02 -14.60 -27.88
O2A TYD I . 2.69 -13.25 -26.07
O3A TYD I . 2.43 -12.69 -28.65
PB TYD I . 0.82 -12.53 -28.99
O1B TYD I . 0.55 -13.75 -29.80
O2B TYD I . -0.06 -12.25 -27.74
O3B TYD I . 0.80 -11.34 -29.89
O5' TYD I . 4.53 -12.17 -27.45
C5' TYD I . 5.74 -12.15 -28.23
C4' TYD I . 6.97 -11.74 -27.40
O4' TYD I . 6.79 -10.44 -26.81
C3' TYD I . 7.32 -12.67 -26.24
O3' TYD I . 8.71 -13.02 -26.22
C2' TYD I . 7.10 -11.90 -24.97
C1' TYD I . 7.20 -10.45 -25.44
N1 TYD I . 6.34 -9.65 -24.57
C2 TYD I . 6.92 -8.83 -23.56
O2 TYD I . 8.16 -8.69 -23.37
N3 TYD I . 6.09 -8.11 -22.78
C4 TYD I . 4.75 -8.18 -22.89
O4 TYD I . 4.07 -7.51 -22.11
C5 TYD I . 4.15 -9.06 -23.93
C5M TYD I . 2.68 -9.21 -24.14
C6 TYD I . 5.01 -9.78 -24.73
PA TYD J . -10.52 17.63 -23.50
O1A TYD J . -9.60 17.00 -22.45
O2A TYD J . -11.01 19.05 -23.30
O3A TYD J . -9.93 17.38 -25.02
PB TYD J . -8.44 17.03 -25.66
O1B TYD J . -8.74 16.13 -26.81
O2B TYD J . -7.51 16.34 -24.66
O3B TYD J . -8.10 18.41 -26.17
O5' TYD J . -11.90 16.85 -23.79
C5' TYD J . -12.35 15.76 -23.03
C4' TYD J . -13.81 15.83 -22.62
O4' TYD J . -14.20 14.48 -22.32
C3' TYD J . -13.96 16.65 -21.34
O3' TYD J . -15.04 17.57 -21.43
C2' TYD J . -14.19 15.64 -20.23
C1' TYD J . -14.18 14.25 -20.89
N1 TYD J . -13.04 13.43 -20.38
C2 TYD J . -13.27 12.46 -19.35
O2 TYD J . -14.43 12.28 -18.88
N3 TYD J . -12.25 11.71 -18.88
C4 TYD J . -10.98 11.85 -19.33
O4 TYD J . -10.02 11.17 -18.89
C5 TYD J . -10.74 12.86 -20.37
C5M TYD J . -9.36 13.07 -20.92
C6 TYD J . -11.81 13.60 -20.85
PA TYD K . -30.66 -3.73 -0.23
O1A TYD K . -29.31 -3.63 -0.94
O2A TYD K . -31.68 -2.66 -0.41
O3A TYD K . -31.35 -5.19 -0.53
PB TYD K . -31.38 -5.98 -1.97
O1B TYD K . -31.71 -7.42 -1.70
O2B TYD K . -29.98 -5.84 -2.58
O3B TYD K . -32.51 -5.24 -2.66
O5' TYD K . -30.35 -3.80 1.35
C5' TYD K . -31.38 -3.73 2.32
C4' TYD K . -30.83 -2.97 3.49
O4' TYD K . -29.67 -3.69 3.96
C3' TYD K . -30.39 -1.56 3.08
O3' TYD K . -31.23 -0.54 3.62
C2' TYD K . -28.98 -1.39 3.63
C1' TYD K . -28.62 -2.73 4.27
N1 TYD K . -27.28 -3.16 3.81
C2 TYD K . -26.11 -2.93 4.60
O2 TYD K . -26.20 -2.37 5.74
N3 TYD K . -24.90 -3.35 4.15
C4 TYD K . -24.74 -3.97 2.99
O4 TYD K . -23.60 -4.34 2.63
C5 TYD K . -25.93 -4.21 2.16
C5M TYD K . -25.89 -4.88 0.82
C6 TYD K . -27.15 -3.78 2.63
PA TYD L . -8.32 -29.07 2.68
O1A TYD L . -7.70 -30.45 2.66
O2A TYD L . -7.56 -27.92 3.36
O3A TYD L . -9.90 -29.14 3.20
PB TYD L . -10.67 -28.99 4.68
O1B TYD L . -10.14 -30.14 5.52
O2B TYD L . -12.12 -29.24 4.33
O3B TYD L . -10.43 -27.56 5.26
O5' TYD L . -8.54 -28.71 1.11
C5' TYD L . -8.54 -29.61 -0.01
C4' TYD L . -7.53 -29.17 -1.09
O4' TYD L . -7.90 -27.89 -1.61
C3' TYD L . -6.09 -29.04 -0.59
O3' TYD L . -5.20 -29.96 -1.25
C2' TYD L . -5.67 -27.61 -0.87
C1' TYD L . -6.77 -26.99 -1.69
N1 TYD L . -7.20 -25.64 -1.25
C2 TYD L . -7.00 -24.54 -2.11
O2 TYD L . -6.42 -24.67 -3.20
N3 TYD L . -7.39 -23.31 -1.78
C4 TYD L . -8.01 -23.05 -0.62
O4 TYD L . -8.35 -21.85 -0.34
C5 TYD L . -8.27 -24.19 0.30
C5M TYD L . -8.98 -23.99 1.61
C6 TYD L . -7.83 -25.46 -0.09
CAA PXN M . -10.85 -41.67 11.21
CAB PXN M . -6.26 -36.18 17.52
CAC PXN M . -8.42 -38.71 13.20
OAD PXN M . -8.93 -39.73 12.34
CAE PXN M . -9.27 -40.95 13.00
CAF PXN M . -10.71 -41.26 12.67
OAG PXN M . -11.11 -42.31 13.54
OAH PXN M . -8.33 -35.65 16.44
CAI PXN M . -6.96 -35.29 16.49
CAJ PXN M . -6.39 -35.52 15.11
OAK PXN M . -6.89 -36.78 14.68
CAL PXN M . -6.48 -37.13 13.38
CAM PXN M . -6.92 -38.56 13.09
CAN PXN M . -6.30 -39.48 14.13
OAO PXN M . -4.97 -39.79 13.76
CAP PXN M . -3.99 -39.84 14.78
CAQ PXN M . -2.80 -39.13 14.13
OAR PXN M . -1.81 -40.11 13.86
OAS PXN M . -6.61 -36.54 7.91
CAT PXN M . -7.09 -37.73 8.51
CAU PXN M . -7.39 -37.44 9.97
OAV PXN M . -6.28 -37.76 10.81
CAW PXN M . -6.46 -38.90 11.65
CAX PXN M . -2.24 -38.02 14.98
CAY PXN M . -8.32 -38.17 7.75
PA TYD N . 17.64 -11.66 23.32
O1A TYD N . 18.87 -12.50 23.07
O2A TYD N . 17.14 -10.71 22.25
O3A TYD N . 17.99 -10.84 24.67
PB TYD N . 17.41 -9.44 25.24
O1B TYD N . 18.52 -8.88 26.08
O2B TYD N . 16.29 -9.93 26.12
O3B TYD N . 16.99 -8.51 24.09
O5' TYD N . 16.39 -12.68 23.60
C5' TYD N . 16.17 -13.53 22.50
C4' TYD N . 15.24 -14.72 22.67
O4' TYD N . 13.87 -14.31 22.57
C3' TYD N . 15.49 -15.61 21.46
O3' TYD N . 15.15 -16.97 21.73
C2' TYD N . 14.57 -15.03 20.40
C1' TYD N . 13.39 -14.51 21.21
N1 TYD N . 12.73 -13.29 20.64
C2 TYD N . 11.62 -13.39 19.72
O2 TYD N . 11.15 -14.49 19.36
N3 TYD N . 11.01 -12.29 19.21
C4 TYD N . 11.40 -11.06 19.54
O4 TYD N . 10.82 -10.07 19.04
C5 TYD N . 12.55 -10.91 20.47
C5M TYD N . 13.07 -9.55 20.87
C6 TYD N . 13.17 -12.06 20.99
PA TYD O . -10.02 7.82 27.75
O1A TYD O . -10.35 6.83 26.67
O2A TYD O . -11.11 8.69 28.35
O3A TYD O . -9.38 6.97 28.93
PB TYD O . -10.27 6.00 29.87
O1B TYD O . -10.48 4.72 29.08
O2B TYD O . -11.52 6.87 30.07
O3B TYD O . -9.27 5.71 30.99
O5' TYD O . -8.77 8.69 27.26
C5' TYD O . -7.85 9.28 28.18
C4' TYD O . -7.54 10.71 27.79
O4' TYD O . -6.35 10.81 26.98
C3' TYD O . -8.61 11.37 26.95
O3' TYD O . -8.60 12.75 27.33
C2' TYD O . -8.19 11.19 25.51
C1' TYD O . -6.67 11.09 25.59
N1 TYD O . -6.10 10.04 24.70
C2 TYD O . -5.16 10.35 23.70
O2 TYD O . -4.81 11.55 23.57
N3 TYD O . -4.66 9.39 22.89
C4 TYD O . -5.02 8.09 23.01
O4 TYD O . -4.54 7.19 22.27
C5 TYD O . -6.01 7.76 24.09
C5M TYD O . -6.49 6.37 24.34
C6 TYD O . -6.49 8.77 24.88
PA TYD P . 29.54 4.07 -7.94
O1A TYD P . 30.84 3.48 -8.47
O2A TYD P . 28.22 3.70 -8.60
O3A TYD P . 29.64 5.70 -7.85
PB TYD P . 29.52 6.75 -9.10
O1B TYD P . 29.20 5.82 -10.25
O2B TYD P . 28.39 7.72 -8.78
O3B TYD P . 30.91 7.36 -9.17
O5' TYD P . 29.42 3.68 -6.40
C5' TYD P . 30.53 3.79 -5.52
C4' TYD P . 30.24 2.89 -4.34
O4' TYD P . 29.21 3.45 -3.53
C3' TYD P . 29.75 1.50 -4.76
O3' TYD P . 30.79 0.53 -4.68
C2' TYD P . 28.60 1.17 -3.83
C1' TYD P . 28.39 2.42 -2.97
N1 TYD P . 27.00 2.86 -2.95
C2 TYD P . 26.11 2.40 -1.94
O2 TYD P . 26.48 1.57 -1.04
N3 TYD P . 24.84 2.85 -1.92
C4 TYD P . 24.39 3.73 -2.82
O4 TYD P . 23.20 4.12 -2.77
C5 TYD P . 25.31 4.21 -3.88
C5M TYD P . 24.86 5.19 -4.94
C6 TYD P . 26.60 3.74 -3.89
PA TYD Q . 9.71 28.83 5.40
O1A TYD Q . 9.39 27.48 5.98
O2A TYD Q . 9.08 30.06 6.05
O3A TYD Q . 11.35 29.03 5.23
PB TYD Q . 12.57 28.90 6.31
O1B TYD Q . 13.78 28.35 5.57
O2B TYD Q . 12.10 28.00 7.42
O3B TYD Q . 12.82 30.33 6.75
O5' TYD Q . 9.21 28.77 3.85
C5' TYD Q . 9.22 29.86 2.92
C4' TYD Q . 8.12 29.67 1.88
O4' TYD Q . 8.37 28.45 1.14
C3' TYD Q . 6.71 29.55 2.46
O3' TYD Q . 5.74 30.29 1.72
C2' TYD Q . 6.35 28.08 2.34
C1' TYD Q . 7.19 27.61 1.15
N1 TYD Q . 7.58 26.17 1.19
C2 TYD Q . 7.09 25.25 0.21
O2 TYD Q . 6.32 25.62 -0.71
N3 TYD Q . 7.45 23.96 0.22
C4 TYD Q . 8.26 23.46 1.15
O4 TYD Q . 8.55 22.25 1.12
C5 TYD Q . 8.79 24.39 2.20
C5M TYD Q . 9.72 23.90 3.28
C6 TYD Q . 8.40 25.73 2.16
#